data_1FNA
# 
_entry.id   1FNA 
# 
_audit_conform.dict_name       mmcif_pdbx.dic 
_audit_conform.dict_version    5.385 
_audit_conform.dict_location   http://mmcif.pdb.org/dictionaries/ascii/mmcif_pdbx.dic 
# 
loop_
_database_2.database_id 
_database_2.database_code 
_database_2.pdbx_database_accession 
_database_2.pdbx_DOI 
PDB   1FNA         pdb_00001fna 10.2210/pdb1fna/pdb 
WWPDB D_1000173346 ?            ?                   
# 
loop_
_pdbx_audit_revision_history.ordinal 
_pdbx_audit_revision_history.data_content_type 
_pdbx_audit_revision_history.major_revision 
_pdbx_audit_revision_history.minor_revision 
_pdbx_audit_revision_history.revision_date 
1 'Structure model' 1 0 1994-04-30 
2 'Structure model' 1 1 2008-03-24 
3 'Structure model' 1 2 2011-07-13 
4 'Structure model' 1 3 2024-02-07 
# 
_pdbx_audit_revision_details.ordinal             1 
_pdbx_audit_revision_details.revision_ordinal    1 
_pdbx_audit_revision_details.data_content_type   'Structure model' 
_pdbx_audit_revision_details.provider            repository 
_pdbx_audit_revision_details.type                'Initial release' 
_pdbx_audit_revision_details.description         ? 
_pdbx_audit_revision_details.details             ? 
# 
loop_
_pdbx_audit_revision_group.ordinal 
_pdbx_audit_revision_group.revision_ordinal 
_pdbx_audit_revision_group.data_content_type 
_pdbx_audit_revision_group.group 
1 2 'Structure model' 'Version format compliance' 
2 3 'Structure model' 'Version format compliance' 
3 4 'Structure model' 'Data collection'           
4 4 'Structure model' 'Database references'       
5 4 'Structure model' 'Derived calculations'      
6 4 'Structure model' Other                       
# 
loop_
_pdbx_audit_revision_category.ordinal 
_pdbx_audit_revision_category.revision_ordinal 
_pdbx_audit_revision_category.data_content_type 
_pdbx_audit_revision_category.category 
1 4 'Structure model' chem_comp_atom       
2 4 'Structure model' chem_comp_bond       
3 4 'Structure model' database_2           
4 4 'Structure model' pdbx_database_status 
5 4 'Structure model' struct_sheet         
# 
loop_
_pdbx_audit_revision_item.ordinal 
_pdbx_audit_revision_item.revision_ordinal 
_pdbx_audit_revision_item.data_content_type 
_pdbx_audit_revision_item.item 
1 4 'Structure model' '_database_2.pdbx_DOI'                
2 4 'Structure model' '_database_2.pdbx_database_accession' 
3 4 'Structure model' '_pdbx_database_status.process_site'  
4 4 'Structure model' '_struct_sheet.number_strands'        
# 
_pdbx_database_status.status_code                     REL 
_pdbx_database_status.entry_id                        1FNA 
_pdbx_database_status.recvd_initial_deposition_date   1994-01-11 
_pdbx_database_status.deposit_site                    ? 
_pdbx_database_status.process_site                    BNL 
_pdbx_database_status.SG_entry                        . 
_pdbx_database_status.pdb_format_compatible           Y 
_pdbx_database_status.status_code_mr                  ? 
_pdbx_database_status.status_code_sf                  ? 
_pdbx_database_status.status_code_cs                  ? 
_pdbx_database_status.status_code_nmr_data            ? 
_pdbx_database_status.methods_development_category    ? 
# 
loop_
_audit_author.name 
_audit_author.pdbx_ordinal 
'Dickinson, C.D.'  1 
'Veerapandian, B.' 2 
'Ely, K.R.'        3 
# 
_citation.id                        primary 
_citation.title                     'Crystal structure of the tenth type III cell adhesion module of human fibronectin.' 
_citation.journal_abbrev            J.Mol.Biol. 
_citation.journal_volume            236 
_citation.page_first                1079 
_citation.page_last                 1092 
_citation.year                      1994 
_citation.journal_id_ASTM           JMOBAK 
_citation.country                   UK 
_citation.journal_id_ISSN           0022-2836 
_citation.journal_id_CSD            0070 
_citation.book_publisher            ? 
_citation.pdbx_database_id_PubMed   8120888 
_citation.pdbx_database_id_DOI      '10.1016/0022-2836(94)90013-2' 
# 
loop_
_citation_author.citation_id 
_citation_author.name 
_citation_author.ordinal 
_citation_author.identifier_ORCID 
primary 'Dickinson, C.D.'  1 ? 
primary 'Veerapandian, B.' 2 ? 
primary 'Dai, X.P.'        3 ? 
primary 'Hamlin, R.C.'     4 ? 
primary 'Xuong, N.H.'      5 ? 
primary 'Ruoslahti, E.'    6 ? 
primary 'Ely, K.R.'        7 ? 
# 
_entity.id                         1 
_entity.type                       polymer 
_entity.src_method                 man 
_entity.pdbx_description           'FIBRONECTIN CELL-ADHESION MODULE TYPE III-10' 
_entity.formula_weight             9691.788 
_entity.pdbx_number_of_molecules   1 
_entity.pdbx_ec                    ? 
_entity.pdbx_mutation              ? 
_entity.pdbx_fragment              ? 
_entity.details                    ? 
# 
_entity_poly.entity_id                      1 
_entity_poly.type                           'polypeptide(L)' 
_entity_poly.nstd_linkage                   no 
_entity_poly.nstd_monomer                   no 
_entity_poly.pdbx_seq_one_letter_code       
;RDLEVVAATPTSLLISWDAPAVTVRYYRITYGETGGNSPVQEFTVPGSKSTATISGLKPGVDYTITVYAVTGRGDSPASS
KPISINYRTEI
;
_entity_poly.pdbx_seq_one_letter_code_can   
;RDLEVVAATPTSLLISWDAPAVTVRYYRITYGETGGNSPVQEFTVPGSKSTATISGLKPGVDYTITVYAVTGRGDSPASS
KPISINYRTEI
;
_entity_poly.pdbx_strand_id                 A 
_entity_poly.pdbx_target_identifier         ? 
# 
loop_
_entity_poly_seq.entity_id 
_entity_poly_seq.num 
_entity_poly_seq.mon_id 
_entity_poly_seq.hetero 
1 1  ARG n 
1 2  ASP n 
1 3  LEU n 
1 4  GLU n 
1 5  VAL n 
1 6  VAL n 
1 7  ALA n 
1 8  ALA n 
1 9  THR n 
1 10 PRO n 
1 11 THR n 
1 12 SER n 
1 13 LEU n 
1 14 LEU n 
1 15 ILE n 
1 16 SER n 
1 17 TRP n 
1 18 ASP n 
1 19 ALA n 
1 20 PRO n 
1 21 ALA n 
1 22 VAL n 
1 23 THR n 
1 24 VAL n 
1 25 ARG n 
1 26 TYR n 
1 27 TYR n 
1 28 ARG n 
1 29 ILE n 
1 30 THR n 
1 31 TYR n 
1 32 GLY n 
1 33 GLU n 
1 34 THR n 
1 35 GLY n 
1 36 GLY n 
1 37 ASN n 
1 38 SER n 
1 39 PRO n 
1 40 VAL n 
1 41 GLN n 
1 42 GLU n 
1 43 PHE n 
1 44 THR n 
1 45 VAL n 
1 46 PRO n 
1 47 GLY n 
1 48 SER n 
1 49 LYS n 
1 50 SER n 
1 51 THR n 
1 52 ALA n 
1 53 THR n 
1 54 ILE n 
1 55 SER n 
1 56 GLY n 
1 57 LEU n 
1 58 LYS n 
1 59 PRO n 
1 60 GLY n 
1 61 VAL n 
1 62 ASP n 
1 63 TYR n 
1 64 THR n 
1 65 ILE n 
1 66 THR n 
1 67 VAL n 
1 68 TYR n 
1 69 ALA n 
1 70 VAL n 
1 71 THR n 
1 72 GLY n 
1 73 ARG n 
1 74 GLY n 
1 75 ASP n 
1 76 SER n 
1 77 PRO n 
1 78 ALA n 
1 79 SER n 
1 80 SER n 
1 81 LYS n 
1 82 PRO n 
1 83 ILE n 
1 84 SER n 
1 85 ILE n 
1 86 ASN n 
1 87 TYR n 
1 88 ARG n 
1 89 THR n 
1 90 GLU n 
1 91 ILE n 
# 
_entity_src_gen.entity_id                          1 
_entity_src_gen.pdbx_src_id                        1 
_entity_src_gen.pdbx_alt_source_flag               sample 
_entity_src_gen.pdbx_seq_type                      ? 
_entity_src_gen.pdbx_beg_seq_num                   ? 
_entity_src_gen.pdbx_end_seq_num                   ? 
_entity_src_gen.gene_src_common_name               human 
_entity_src_gen.gene_src_genus                     Homo 
_entity_src_gen.pdbx_gene_src_gene                 ? 
_entity_src_gen.gene_src_species                   ? 
_entity_src_gen.gene_src_strain                    ? 
_entity_src_gen.gene_src_tissue                    ? 
_entity_src_gen.gene_src_tissue_fraction           ? 
_entity_src_gen.gene_src_details                   ? 
_entity_src_gen.pdbx_gene_src_fragment             ? 
_entity_src_gen.pdbx_gene_src_scientific_name      'Homo sapiens' 
_entity_src_gen.pdbx_gene_src_ncbi_taxonomy_id     9606 
_entity_src_gen.pdbx_gene_src_variant              ? 
_entity_src_gen.pdbx_gene_src_cell_line            ? 
_entity_src_gen.pdbx_gene_src_atcc                 ? 
_entity_src_gen.pdbx_gene_src_organ                ? 
_entity_src_gen.pdbx_gene_src_organelle            ? 
_entity_src_gen.pdbx_gene_src_cell                 ? 
_entity_src_gen.pdbx_gene_src_cellular_location    ? 
_entity_src_gen.host_org_common_name               ? 
_entity_src_gen.pdbx_host_org_scientific_name      ? 
_entity_src_gen.pdbx_host_org_ncbi_taxonomy_id     ? 
_entity_src_gen.host_org_genus                     ? 
_entity_src_gen.pdbx_host_org_gene                 ? 
_entity_src_gen.pdbx_host_org_organ                ? 
_entity_src_gen.host_org_species                   ? 
_entity_src_gen.pdbx_host_org_tissue               ? 
_entity_src_gen.pdbx_host_org_tissue_fraction      ? 
_entity_src_gen.pdbx_host_org_strain               ? 
_entity_src_gen.pdbx_host_org_variant              ? 
_entity_src_gen.pdbx_host_org_cell_line            ? 
_entity_src_gen.pdbx_host_org_atcc                 ? 
_entity_src_gen.pdbx_host_org_culture_collection   ? 
_entity_src_gen.pdbx_host_org_cell                 ? 
_entity_src_gen.pdbx_host_org_organelle            ? 
_entity_src_gen.pdbx_host_org_cellular_location    ? 
_entity_src_gen.pdbx_host_org_vector_type          ? 
_entity_src_gen.pdbx_host_org_vector               ? 
_entity_src_gen.host_org_details                   ? 
_entity_src_gen.expression_system_id               ? 
_entity_src_gen.plasmid_name                       ? 
_entity_src_gen.plasmid_details                    ? 
_entity_src_gen.pdbx_description                   ? 
# 
loop_
_chem_comp.id 
_chem_comp.type 
_chem_comp.mon_nstd_flag 
_chem_comp.name 
_chem_comp.pdbx_synonyms 
_chem_comp.formula 
_chem_comp.formula_weight 
ALA 'L-peptide linking' y ALANINE         ? 'C3 H7 N O2'     89.093  
ARG 'L-peptide linking' y ARGININE        ? 'C6 H15 N4 O2 1' 175.209 
ASN 'L-peptide linking' y ASPARAGINE      ? 'C4 H8 N2 O3'    132.118 
ASP 'L-peptide linking' y 'ASPARTIC ACID' ? 'C4 H7 N O4'     133.103 
GLN 'L-peptide linking' y GLUTAMINE       ? 'C5 H10 N2 O3'   146.144 
GLU 'L-peptide linking' y 'GLUTAMIC ACID' ? 'C5 H9 N O4'     147.129 
GLY 'peptide linking'   y GLYCINE         ? 'C2 H5 N O2'     75.067  
ILE 'L-peptide linking' y ISOLEUCINE      ? 'C6 H13 N O2'    131.173 
LEU 'L-peptide linking' y LEUCINE         ? 'C6 H13 N O2'    131.173 
LYS 'L-peptide linking' y LYSINE          ? 'C6 H15 N2 O2 1' 147.195 
PHE 'L-peptide linking' y PHENYLALANINE   ? 'C9 H11 N O2'    165.189 
PRO 'L-peptide linking' y PROLINE         ? 'C5 H9 N O2'     115.130 
SER 'L-peptide linking' y SERINE          ? 'C3 H7 N O3'     105.093 
THR 'L-peptide linking' y THREONINE       ? 'C4 H9 N O3'     119.119 
TRP 'L-peptide linking' y TRYPTOPHAN      ? 'C11 H12 N2 O2'  204.225 
TYR 'L-peptide linking' y TYROSINE        ? 'C9 H11 N O3'    181.189 
VAL 'L-peptide linking' y VALINE          ? 'C5 H11 N O2'    117.146 
# 
loop_
_pdbx_poly_seq_scheme.asym_id 
_pdbx_poly_seq_scheme.entity_id 
_pdbx_poly_seq_scheme.seq_id 
_pdbx_poly_seq_scheme.mon_id 
_pdbx_poly_seq_scheme.ndb_seq_num 
_pdbx_poly_seq_scheme.pdb_seq_num 
_pdbx_poly_seq_scheme.auth_seq_num 
_pdbx_poly_seq_scheme.pdb_mon_id 
_pdbx_poly_seq_scheme.auth_mon_id 
_pdbx_poly_seq_scheme.pdb_strand_id 
_pdbx_poly_seq_scheme.pdb_ins_code 
_pdbx_poly_seq_scheme.hetero 
A 1 1  ARG 1  6  6  ARG ARG A . n 
A 1 2  ASP 2  7  7  ASP ASP A . n 
A 1 3  LEU 3  8  8  LEU LEU A . n 
A 1 4  GLU 4  9  9  GLU GLU A . n 
A 1 5  VAL 5  10 10 VAL VAL A . n 
A 1 6  VAL 6  11 11 VAL VAL A . n 
A 1 7  ALA 7  12 12 ALA ALA A . n 
A 1 8  ALA 8  13 13 ALA ALA A . n 
A 1 9  THR 9  14 14 THR THR A . n 
A 1 10 PRO 10 15 15 PRO PRO A . n 
A 1 11 THR 11 16 16 THR THR A . n 
A 1 12 SER 12 17 17 SER SER A . n 
A 1 13 LEU 13 18 18 LEU LEU A . n 
A 1 14 LEU 14 19 19 LEU LEU A . n 
A 1 15 ILE 15 20 20 ILE ILE A . n 
A 1 16 SER 16 21 21 SER SER A . n 
A 1 17 TRP 17 22 22 TRP TRP A . n 
A 1 18 ASP 18 23 23 ASP ASP A . n 
A 1 19 ALA 19 24 24 ALA ALA A . n 
A 1 20 PRO 20 25 25 PRO PRO A . n 
A 1 21 ALA 21 26 26 ALA ALA A . n 
A 1 22 VAL 22 27 27 VAL VAL A . n 
A 1 23 THR 23 28 28 THR THR A . n 
A 1 24 VAL 24 29 29 VAL VAL A . n 
A 1 25 ARG 25 30 30 ARG ARG A . n 
A 1 26 TYR 26 31 31 TYR TYR A . n 
A 1 27 TYR 27 32 32 TYR TYR A . n 
A 1 28 ARG 28 33 33 ARG ARG A . n 
A 1 29 ILE 29 34 34 ILE ILE A . n 
A 1 30 THR 30 35 35 THR THR A . n 
A 1 31 TYR 31 36 36 TYR TYR A . n 
A 1 32 GLY 32 37 37 GLY GLY A . n 
A 1 33 GLU 33 38 38 GLU GLU A . n 
A 1 34 THR 34 39 39 THR THR A . n 
A 1 35 GLY 35 40 40 GLY GLY A . n 
A 1 36 GLY 36 41 41 GLY GLY A . n 
A 1 37 ASN 37 42 42 ASN ASN A . n 
A 1 38 SER 38 43 43 SER SER A . n 
A 1 39 PRO 39 44 44 PRO PRO A . n 
A 1 40 VAL 40 45 45 VAL VAL A . n 
A 1 41 GLN 41 46 46 GLN GLN A . n 
A 1 42 GLU 42 47 47 GLU GLU A . n 
A 1 43 PHE 43 48 48 PHE PHE A . n 
A 1 44 THR 44 49 49 THR THR A . n 
A 1 45 VAL 45 50 50 VAL VAL A . n 
A 1 46 PRO 46 51 51 PRO PRO A . n 
A 1 47 GLY 47 52 52 GLY GLY A . n 
A 1 48 SER 48 53 53 SER SER A . n 
A 1 49 LYS 49 54 54 LYS LYS A . n 
A 1 50 SER 50 55 55 SER SER A . n 
A 1 51 THR 51 56 56 THR THR A . n 
A 1 52 ALA 52 57 57 ALA ALA A . n 
A 1 53 THR 53 58 58 THR THR A . n 
A 1 54 ILE 54 59 59 ILE ILE A . n 
A 1 55 SER 55 60 60 SER SER A . n 
A 1 56 GLY 56 61 61 GLY GLY A . n 
A 1 57 LEU 57 62 62 LEU LEU A . n 
A 1 58 LYS 58 63 63 LYS LYS A . n 
A 1 59 PRO 59 64 64 PRO PRO A . n 
A 1 60 GLY 60 65 65 GLY GLY A . n 
A 1 61 VAL 61 66 66 VAL VAL A . n 
A 1 62 ASP 62 67 67 ASP ASP A . n 
A 1 63 TYR 63 68 68 TYR TYR A . n 
A 1 64 THR 64 69 69 THR THR A . n 
A 1 65 ILE 65 70 70 ILE ILE A . n 
A 1 66 THR 66 71 71 THR THR A . n 
A 1 67 VAL 67 72 72 VAL VAL A . n 
A 1 68 TYR 68 73 73 TYR TYR A . n 
A 1 69 ALA 69 74 74 ALA ALA A . n 
A 1 70 VAL 70 75 75 VAL VAL A . n 
A 1 71 THR 71 76 76 THR THR A . n 
A 1 72 GLY 72 77 77 GLY GLY A . n 
A 1 73 ARG 73 78 78 ARG ARG A . n 
A 1 74 GLY 74 79 79 GLY GLY A . n 
A 1 75 ASP 75 80 80 ASP ASP A . n 
A 1 76 SER 76 81 81 SER SER A . n 
A 1 77 PRO 77 82 82 PRO PRO A . n 
A 1 78 ALA 78 83 83 ALA ALA A . n 
A 1 79 SER 79 84 84 SER SER A . n 
A 1 80 SER 80 85 85 SER SER A . n 
A 1 81 LYS 81 86 86 LYS LYS A . n 
A 1 82 PRO 82 87 87 PRO PRO A . n 
A 1 83 ILE 83 88 88 ILE ILE A . n 
A 1 84 SER 84 89 89 SER SER A . n 
A 1 85 ILE 85 90 90 ILE ILE A . n 
A 1 86 ASN 86 91 91 ASN ASN A . n 
A 1 87 TYR 87 92 92 TYR TYR A . n 
A 1 88 ARG 88 93 93 ARG ARG A . n 
A 1 89 THR 89 94 94 THR THR A . n 
A 1 90 GLU 90 95 95 GLU GLU A . n 
A 1 91 ILE 91 96 96 ILE ILE A . n 
# 
loop_
_pdbx_unobs_or_zero_occ_atoms.id 
_pdbx_unobs_or_zero_occ_atoms.PDB_model_num 
_pdbx_unobs_or_zero_occ_atoms.polymer_flag 
_pdbx_unobs_or_zero_occ_atoms.occupancy_flag 
_pdbx_unobs_or_zero_occ_atoms.auth_asym_id 
_pdbx_unobs_or_zero_occ_atoms.auth_comp_id 
_pdbx_unobs_or_zero_occ_atoms.auth_seq_id 
_pdbx_unobs_or_zero_occ_atoms.PDB_ins_code 
_pdbx_unobs_or_zero_occ_atoms.auth_atom_id 
_pdbx_unobs_or_zero_occ_atoms.label_alt_id 
_pdbx_unobs_or_zero_occ_atoms.label_asym_id 
_pdbx_unobs_or_zero_occ_atoms.label_comp_id 
_pdbx_unobs_or_zero_occ_atoms.label_seq_id 
_pdbx_unobs_or_zero_occ_atoms.label_atom_id 
1 1 Y 1 A ARG 6 ? CB  ? A ARG 1 CB  
2 1 Y 1 A ARG 6 ? CG  ? A ARG 1 CG  
3 1 Y 1 A ARG 6 ? CD  ? A ARG 1 CD  
4 1 Y 1 A ARG 6 ? NE  ? A ARG 1 NE  
5 1 Y 1 A ARG 6 ? CZ  ? A ARG 1 CZ  
6 1 Y 1 A ARG 6 ? NH1 ? A ARG 1 NH1 
7 1 Y 1 A ARG 6 ? NH2 ? A ARG 1 NH2 
8 1 Y 1 A ASP 7 ? OD1 ? A ASP 2 OD1 
9 1 Y 1 A ASP 7 ? OD2 ? A ASP 2 OD2 
# 
_software.name             PROLSQ 
_software.classification   refinement 
_software.version          . 
_software.citation_id      ? 
_software.pdbx_ordinal     1 
# 
_cell.entry_id           1FNA 
_cell.length_a           30.700 
_cell.length_b           35.100 
_cell.length_c           37.700 
_cell.angle_alpha        90.00 
_cell.angle_beta         107.00 
_cell.angle_gamma        90.00 
_cell.Z_PDB              2 
_cell.pdbx_unique_axis   ? 
# 
_symmetry.entry_id                         1FNA 
_symmetry.space_group_name_H-M             'P 1 21 1' 
_symmetry.pdbx_full_space_group_name_H-M   ? 
_symmetry.cell_setting                     ? 
_symmetry.Int_Tables_number                4 
# 
_exptl.entry_id          1FNA 
_exptl.method            'X-RAY DIFFRACTION' 
_exptl.crystals_number   ? 
# 
_exptl_crystal.id                    1 
_exptl_crystal.density_meas          ? 
_exptl_crystal.density_Matthews      2.00 
_exptl_crystal.density_percent_sol   38.58 
_exptl_crystal.description           ? 
# 
_refine.entry_id                                 1FNA 
_refine.ls_number_reflns_obs                     ? 
_refine.ls_number_reflns_all                     ? 
_refine.pdbx_ls_sigma_I                          ? 
_refine.pdbx_ls_sigma_F                          ? 
_refine.pdbx_data_cutoff_high_absF               ? 
_refine.pdbx_data_cutoff_low_absF                ? 
_refine.pdbx_data_cutoff_high_rms_absF           ? 
_refine.ls_d_res_low                             10. 
_refine.ls_d_res_high                            1.8 
_refine.ls_percent_reflns_obs                    ? 
_refine.ls_R_factor_obs                          0.1800000 
_refine.ls_R_factor_all                          ? 
_refine.ls_R_factor_R_work                       ? 
_refine.ls_R_factor_R_free                       ? 
_refine.ls_R_factor_R_free_error                 ? 
_refine.ls_R_factor_R_free_error_details         ? 
_refine.ls_percent_reflns_R_free                 ? 
_refine.ls_number_reflns_R_free                  ? 
_refine.ls_number_parameters                     ? 
_refine.ls_number_restraints                     ? 
_refine.occupancy_min                            ? 
_refine.occupancy_max                            ? 
_refine.B_iso_mean                               ? 
_refine.aniso_B[1][1]                            ? 
_refine.aniso_B[2][2]                            ? 
_refine.aniso_B[3][3]                            ? 
_refine.aniso_B[1][2]                            ? 
_refine.aniso_B[1][3]                            ? 
_refine.aniso_B[2][3]                            ? 
_refine.solvent_model_details                    ? 
_refine.solvent_model_param_ksol                 ? 
_refine.solvent_model_param_bsol                 ? 
_refine.pdbx_ls_cross_valid_method               ? 
_refine.details                                  ? 
_refine.pdbx_starting_model                      ? 
_refine.pdbx_method_to_determine_struct          ? 
_refine.pdbx_isotropic_thermal_model             ? 
_refine.pdbx_stereochemistry_target_values       ? 
_refine.pdbx_stereochem_target_val_spec_case     ? 
_refine.pdbx_R_Free_selection_details            ? 
_refine.pdbx_overall_ESU_R                       ? 
_refine.pdbx_overall_ESU_R_Free                  ? 
_refine.overall_SU_ML                            ? 
_refine.overall_SU_B                             ? 
_refine.pdbx_refine_id                           'X-RAY DIFFRACTION' 
_refine.pdbx_diffrn_id                           1 
_refine.pdbx_TLS_residual_ADP_flag               ? 
_refine.correlation_coeff_Fo_to_Fc               ? 
_refine.correlation_coeff_Fo_to_Fc_free          ? 
_refine.pdbx_solvent_vdw_probe_radii             ? 
_refine.pdbx_solvent_ion_probe_radii             ? 
_refine.pdbx_solvent_shrinkage_radii             ? 
_refine.pdbx_overall_phase_error                 ? 
_refine.overall_SU_R_Cruickshank_DPI             ? 
_refine.pdbx_overall_SU_R_free_Cruickshank_DPI   ? 
_refine.pdbx_overall_SU_R_Blow_DPI               ? 
_refine.pdbx_overall_SU_R_free_Blow_DPI          ? 
# 
_refine_hist.pdbx_refine_id                   'X-RAY DIFFRACTION' 
_refine_hist.cycle_id                         LAST 
_refine_hist.pdbx_number_atoms_protein        826 
_refine_hist.pdbx_number_atoms_nucleic_acid   0 
_refine_hist.pdbx_number_atoms_ligand         0 
_refine_hist.number_atoms_solvent             0 
_refine_hist.number_atoms_total               826 
_refine_hist.d_res_high                       1.8 
_refine_hist.d_res_low                        10. 
# 
loop_
_refine_ls_restr.type 
_refine_ls_restr.dev_ideal 
_refine_ls_restr.dev_ideal_target 
_refine_ls_restr.weight 
_refine_ls_restr.number 
_refine_ls_restr.pdbx_refine_id 
_refine_ls_restr.pdbx_restraint_function 
p_bond_d            0.020 ? ? ? 'X-RAY DIFFRACTION' ? 
p_angle_d           ?     ? ? ? 'X-RAY DIFFRACTION' ? 
p_angle_deg         ?     ? ? ? 'X-RAY DIFFRACTION' ? 
p_planar_d          ?     ? ? ? 'X-RAY DIFFRACTION' ? 
p_hb_or_metal_coord ?     ? ? ? 'X-RAY DIFFRACTION' ? 
p_mcbond_it         ?     ? ? ? 'X-RAY DIFFRACTION' ? 
p_mcangle_it        ?     ? ? ? 'X-RAY DIFFRACTION' ? 
p_scbond_it         ?     ? ? ? 'X-RAY DIFFRACTION' ? 
p_scangle_it        ?     ? ? ? 'X-RAY DIFFRACTION' ? 
p_plane_restr       ?     ? ? ? 'X-RAY DIFFRACTION' ? 
p_chiral_restr      ?     ? ? ? 'X-RAY DIFFRACTION' ? 
p_singtor_nbd       ?     ? ? ? 'X-RAY DIFFRACTION' ? 
p_multtor_nbd       ?     ? ? ? 'X-RAY DIFFRACTION' ? 
p_xhyhbond_nbd      ?     ? ? ? 'X-RAY DIFFRACTION' ? 
p_xyhbond_nbd       ?     ? ? ? 'X-RAY DIFFRACTION' ? 
p_planar_tor        ?     ? ? ? 'X-RAY DIFFRACTION' ? 
p_staggered_tor     ?     ? ? ? 'X-RAY DIFFRACTION' ? 
p_orthonormal_tor   ?     ? ? ? 'X-RAY DIFFRACTION' ? 
p_transverse_tor    ?     ? ? ? 'X-RAY DIFFRACTION' ? 
p_special_tor       ?     ? ? ? 'X-RAY DIFFRACTION' ? 
# 
_struct.entry_id                  1FNA 
_struct.title                     'CRYSTAL STRUCTURE OF THE TENTH TYPE III CELL ADHESION MODULE OF HUMAN FIBRONECTIN' 
_struct.pdbx_model_details        ? 
_struct.pdbx_CASP_flag            ? 
_struct.pdbx_model_type_details   ? 
# 
_struct_keywords.entry_id        1FNA 
_struct_keywords.pdbx_keywords   'CELL ADHESION PROTEIN' 
_struct_keywords.text            'CELL ADHESION PROTEIN' 
# 
_struct_asym.id                            A 
_struct_asym.pdbx_blank_PDB_chainid_flag   N 
_struct_asym.pdbx_modified                 N 
_struct_asym.entity_id                     1 
_struct_asym.details                       ? 
# 
_struct_ref.id                         1 
_struct_ref.db_name                    UNP 
_struct_ref.db_code                    FINC_HUMAN 
_struct_ref.pdbx_db_accession          P02751 
_struct_ref.entity_id                  1 
_struct_ref.pdbx_align_begin           1452 
_struct_ref.pdbx_db_isoform            ? 
_struct_ref.pdbx_seq_one_letter_code   ? 
# 
_struct_ref_seq.align_id                      1 
_struct_ref_seq.ref_id                        1 
_struct_ref_seq.pdbx_PDB_id_code              1FNA 
_struct_ref_seq.pdbx_strand_id                A 
_struct_ref_seq.seq_align_beg                 1 
_struct_ref_seq.pdbx_seq_align_beg_ins_code   ? 
_struct_ref_seq.seq_align_end                 91 
_struct_ref_seq.pdbx_seq_align_end_ins_code   ? 
_struct_ref_seq.pdbx_db_accession             P02751 
_struct_ref_seq.db_align_beg                  1452 
_struct_ref_seq.pdbx_db_align_beg_ins_code    ? 
_struct_ref_seq.db_align_end                  1542 
_struct_ref_seq.pdbx_db_align_end_ins_code    ? 
_struct_ref_seq.pdbx_auth_seq_align_beg       6 
_struct_ref_seq.pdbx_auth_seq_align_end       96 
# 
_pdbx_struct_assembly.id                   1 
_pdbx_struct_assembly.details              author_defined_assembly 
_pdbx_struct_assembly.method_details       ? 
_pdbx_struct_assembly.oligomeric_details   monomeric 
_pdbx_struct_assembly.oligomeric_count     1 
# 
_pdbx_struct_assembly_gen.assembly_id       1 
_pdbx_struct_assembly_gen.oper_expression   1 
_pdbx_struct_assembly_gen.asym_id_list      A 
# 
_pdbx_struct_oper_list.id                   1 
_pdbx_struct_oper_list.type                 'identity operation' 
_pdbx_struct_oper_list.name                 1_555 
_pdbx_struct_oper_list.symmetry_operation   x,y,z 
_pdbx_struct_oper_list.matrix[1][1]         1.0000000000 
_pdbx_struct_oper_list.matrix[1][2]         0.0000000000 
_pdbx_struct_oper_list.matrix[1][3]         0.0000000000 
_pdbx_struct_oper_list.vector[1]            0.0000000000 
_pdbx_struct_oper_list.matrix[2][1]         0.0000000000 
_pdbx_struct_oper_list.matrix[2][2]         1.0000000000 
_pdbx_struct_oper_list.matrix[2][3]         0.0000000000 
_pdbx_struct_oper_list.vector[2]            0.0000000000 
_pdbx_struct_oper_list.matrix[3][1]         0.0000000000 
_pdbx_struct_oper_list.matrix[3][2]         0.0000000000 
_pdbx_struct_oper_list.matrix[3][3]         1.0000000000 
_pdbx_struct_oper_list.vector[3]            0.0000000000 
# 
_struct_biol.id   1 
# 
loop_
_struct_sheet.id 
_struct_sheet.type 
_struct_sheet.number_strands 
_struct_sheet.details 
S1 ? 2 ? 
S2 ? 4 ? 
# 
loop_
_struct_sheet_order.sheet_id 
_struct_sheet_order.range_id_1 
_struct_sheet_order.range_id_2 
_struct_sheet_order.offset 
_struct_sheet_order.sense 
S1 1 2 ? anti-parallel 
S2 1 2 ? anti-parallel 
S2 2 3 ? anti-parallel 
S2 3 4 ? anti-parallel 
# 
loop_
_struct_sheet_range.sheet_id 
_struct_sheet_range.id 
_struct_sheet_range.beg_label_comp_id 
_struct_sheet_range.beg_label_asym_id 
_struct_sheet_range.beg_label_seq_id 
_struct_sheet_range.pdbx_beg_PDB_ins_code 
_struct_sheet_range.end_label_comp_id 
_struct_sheet_range.end_label_asym_id 
_struct_sheet_range.end_label_seq_id 
_struct_sheet_range.pdbx_end_PDB_ins_code 
_struct_sheet_range.beg_auth_comp_id 
_struct_sheet_range.beg_auth_asym_id 
_struct_sheet_range.beg_auth_seq_id 
_struct_sheet_range.end_auth_comp_id 
_struct_sheet_range.end_auth_asym_id 
_struct_sheet_range.end_auth_seq_id 
S1 1 THR A 11 ? ALA A 21 ? THR A 16 ALA A 26 
S1 2 SER A 48 ? LEU A 57 ? SER A 53 LEU A 62 
S2 1 GLY A 36 ? GLY A 47 ? GLY A 41 GLY A 52 
S2 2 ARG A 25 ? GLY A 35 ? ARG A 30 GLY A 40 
S2 3 LYS A 58 ? THR A 71 ? LYS A 63 THR A 76 
S2 4 LYS A 81 ? GLU A 90 ? LYS A 86 GLU A 95 
# 
_pdbx_validate_close_contact.id               1 
_pdbx_validate_close_contact.PDB_model_num    1 
_pdbx_validate_close_contact.auth_atom_id_1   H 
_pdbx_validate_close_contact.auth_asym_id_1   A 
_pdbx_validate_close_contact.auth_comp_id_1   LYS 
_pdbx_validate_close_contact.auth_seq_id_1    63 
_pdbx_validate_close_contact.PDB_ins_code_1   ? 
_pdbx_validate_close_contact.label_alt_id_1   ? 
_pdbx_validate_close_contact.auth_atom_id_2   HH 
_pdbx_validate_close_contact.auth_asym_id_2   A 
_pdbx_validate_close_contact.auth_comp_id_2   TYR 
_pdbx_validate_close_contact.auth_seq_id_2    68 
_pdbx_validate_close_contact.PDB_ins_code_2   ? 
_pdbx_validate_close_contact.label_alt_id_2   ? 
_pdbx_validate_close_contact.dist             1.20 
# 
_pdbx_validate_symm_contact.id                1 
_pdbx_validate_symm_contact.PDB_model_num     1 
_pdbx_validate_symm_contact.auth_atom_id_1    HH 
_pdbx_validate_symm_contact.auth_asym_id_1    A 
_pdbx_validate_symm_contact.auth_comp_id_1    TYR 
_pdbx_validate_symm_contact.auth_seq_id_1     31 
_pdbx_validate_symm_contact.PDB_ins_code_1    ? 
_pdbx_validate_symm_contact.label_alt_id_1    ? 
_pdbx_validate_symm_contact.site_symmetry_1   1_555 
_pdbx_validate_symm_contact.auth_atom_id_2    HH11 
_pdbx_validate_symm_contact.auth_asym_id_2    A 
_pdbx_validate_symm_contact.auth_comp_id_2    ARG 
_pdbx_validate_symm_contact.auth_seq_id_2     93 
_pdbx_validate_symm_contact.PDB_ins_code_2    ? 
_pdbx_validate_symm_contact.label_alt_id_2    ? 
_pdbx_validate_symm_contact.site_symmetry_2   1_455 
_pdbx_validate_symm_contact.dist              1.24 
# 
loop_
_pdbx_validate_rmsd_angle.id 
_pdbx_validate_rmsd_angle.PDB_model_num 
_pdbx_validate_rmsd_angle.auth_atom_id_1 
_pdbx_validate_rmsd_angle.auth_asym_id_1 
_pdbx_validate_rmsd_angle.auth_comp_id_1 
_pdbx_validate_rmsd_angle.auth_seq_id_1 
_pdbx_validate_rmsd_angle.PDB_ins_code_1 
_pdbx_validate_rmsd_angle.label_alt_id_1 
_pdbx_validate_rmsd_angle.auth_atom_id_2 
_pdbx_validate_rmsd_angle.auth_asym_id_2 
_pdbx_validate_rmsd_angle.auth_comp_id_2 
_pdbx_validate_rmsd_angle.auth_seq_id_2 
_pdbx_validate_rmsd_angle.PDB_ins_code_2 
_pdbx_validate_rmsd_angle.label_alt_id_2 
_pdbx_validate_rmsd_angle.auth_atom_id_3 
_pdbx_validate_rmsd_angle.auth_asym_id_3 
_pdbx_validate_rmsd_angle.auth_comp_id_3 
_pdbx_validate_rmsd_angle.auth_seq_id_3 
_pdbx_validate_rmsd_angle.PDB_ins_code_3 
_pdbx_validate_rmsd_angle.label_alt_id_3 
_pdbx_validate_rmsd_angle.angle_value 
_pdbx_validate_rmsd_angle.angle_target_value 
_pdbx_validate_rmsd_angle.angle_deviation 
_pdbx_validate_rmsd_angle.angle_standard_deviation 
_pdbx_validate_rmsd_angle.linker_flag 
1  1 O  A LEU 18 ? ? C  A LEU 18 ? ? N   A LEU 19 ? ? 136.02 122.70 13.32 1.60 Y 
2  1 CB A ASP 23 ? ? CG A ASP 23 ? ? OD1 A ASP 23 ? ? 112.32 118.30 -5.98 0.90 N 
3  1 CG A ARG 30 ? ? CD A ARG 30 ? ? NE  A ARG 30 ? ? 125.18 111.80 13.38 2.10 N 
4  1 CD A ARG 30 ? ? NE A ARG 30 ? ? CZ  A ARG 30 ? ? 175.61 123.60 52.01 1.40 N 
5  1 NE A ARG 30 ? ? CZ A ARG 30 ? ? NH1 A ARG 30 ? ? 124.43 120.30 4.13  0.50 N 
6  1 CD A ARG 33 ? ? NE A ARG 33 ? ? CZ  A ARG 33 ? ? 132.11 123.60 8.51  1.40 N 
7  1 NE A ARG 33 ? ? CZ A ARG 33 ? ? NH1 A ARG 33 ? ? 116.92 120.30 -3.38 0.50 N 
8  1 O  A THR 35 ? ? C  A THR 35 ? ? N   A TYR 36 ? ? 132.95 122.70 10.25 1.60 Y 
9  1 O  A GLY 37 ? ? C  A GLY 37 ? ? N   A GLU 38 ? ? 137.06 122.70 14.36 1.60 Y 
10 1 CB A PHE 48 ? ? CG A PHE 48 ? ? CD2 A PHE 48 ? ? 114.86 120.80 -5.94 0.70 N 
11 1 CB A PHE 48 ? ? CG A PHE 48 ? ? CD1 A PHE 48 ? ? 126.01 120.80 5.21  0.70 N 
12 1 NE A ARG 78 ? ? CZ A ARG 78 ? ? NH2 A ARG 78 ? ? 124.07 120.30 3.77  0.50 N 
13 1 NE A ARG 93 ? ? CZ A ARG 93 ? ? NH1 A ARG 93 ? ? 125.41 120.30 5.11  0.50 N 
14 1 O  A THR 94 ? ? C  A THR 94 ? ? N   A GLU 95 ? ? 133.02 122.70 10.32 1.60 Y 
15 1 CA A GLU 95 ? ? C  A GLU 95 ? ? O   A GLU 95 ? ? 132.82 120.10 12.72 2.10 N 
# 
loop_
_pdbx_validate_torsion.id 
_pdbx_validate_torsion.PDB_model_num 
_pdbx_validate_torsion.auth_comp_id 
_pdbx_validate_torsion.auth_asym_id 
_pdbx_validate_torsion.auth_seq_id 
_pdbx_validate_torsion.PDB_ins_code 
_pdbx_validate_torsion.label_alt_id 
_pdbx_validate_torsion.phi 
_pdbx_validate_torsion.psi 
1 1 SER A 81 ? ? 173.58  -171.78 
2 1 SER A 84 ? ? -126.12 -73.34  
# 
loop_
_chem_comp_atom.comp_id 
_chem_comp_atom.atom_id 
_chem_comp_atom.type_symbol 
_chem_comp_atom.pdbx_aromatic_flag 
_chem_comp_atom.pdbx_stereo_config 
_chem_comp_atom.pdbx_ordinal 
ALA N    N N N 1   
ALA CA   C N S 2   
ALA C    C N N 3   
ALA O    O N N 4   
ALA CB   C N N 5   
ALA OXT  O N N 6   
ALA H    H N N 7   
ALA H2   H N N 8   
ALA HA   H N N 9   
ALA HB1  H N N 10  
ALA HB2  H N N 11  
ALA HB3  H N N 12  
ALA HXT  H N N 13  
ARG N    N N N 14  
ARG CA   C N S 15  
ARG C    C N N 16  
ARG O    O N N 17  
ARG CB   C N N 18  
ARG CG   C N N 19  
ARG CD   C N N 20  
ARG NE   N N N 21  
ARG CZ   C N N 22  
ARG NH1  N N N 23  
ARG NH2  N N N 24  
ARG OXT  O N N 25  
ARG H    H N N 26  
ARG H2   H N N 27  
ARG HA   H N N 28  
ARG HB2  H N N 29  
ARG HB3  H N N 30  
ARG HG2  H N N 31  
ARG HG3  H N N 32  
ARG HD2  H N N 33  
ARG HD3  H N N 34  
ARG HE   H N N 35  
ARG HH11 H N N 36  
ARG HH12 H N N 37  
ARG HH21 H N N 38  
ARG HH22 H N N 39  
ARG HXT  H N N 40  
ASN N    N N N 41  
ASN CA   C N S 42  
ASN C    C N N 43  
ASN O    O N N 44  
ASN CB   C N N 45  
ASN CG   C N N 46  
ASN OD1  O N N 47  
ASN ND2  N N N 48  
ASN OXT  O N N 49  
ASN H    H N N 50  
ASN H2   H N N 51  
ASN HA   H N N 52  
ASN HB2  H N N 53  
ASN HB3  H N N 54  
ASN HD21 H N N 55  
ASN HD22 H N N 56  
ASN HXT  H N N 57  
ASP N    N N N 58  
ASP CA   C N S 59  
ASP C    C N N 60  
ASP O    O N N 61  
ASP CB   C N N 62  
ASP CG   C N N 63  
ASP OD1  O N N 64  
ASP OD2  O N N 65  
ASP OXT  O N N 66  
ASP H    H N N 67  
ASP H2   H N N 68  
ASP HA   H N N 69  
ASP HB2  H N N 70  
ASP HB3  H N N 71  
ASP HD2  H N N 72  
ASP HXT  H N N 73  
GLN N    N N N 74  
GLN CA   C N S 75  
GLN C    C N N 76  
GLN O    O N N 77  
GLN CB   C N N 78  
GLN CG   C N N 79  
GLN CD   C N N 80  
GLN OE1  O N N 81  
GLN NE2  N N N 82  
GLN OXT  O N N 83  
GLN H    H N N 84  
GLN H2   H N N 85  
GLN HA   H N N 86  
GLN HB2  H N N 87  
GLN HB3  H N N 88  
GLN HG2  H N N 89  
GLN HG3  H N N 90  
GLN HE21 H N N 91  
GLN HE22 H N N 92  
GLN HXT  H N N 93  
GLU N    N N N 94  
GLU CA   C N S 95  
GLU C    C N N 96  
GLU O    O N N 97  
GLU CB   C N N 98  
GLU CG   C N N 99  
GLU CD   C N N 100 
GLU OE1  O N N 101 
GLU OE2  O N N 102 
GLU OXT  O N N 103 
GLU H    H N N 104 
GLU H2   H N N 105 
GLU HA   H N N 106 
GLU HB2  H N N 107 
GLU HB3  H N N 108 
GLU HG2  H N N 109 
GLU HG3  H N N 110 
GLU HE2  H N N 111 
GLU HXT  H N N 112 
GLY N    N N N 113 
GLY CA   C N N 114 
GLY C    C N N 115 
GLY O    O N N 116 
GLY OXT  O N N 117 
GLY H    H N N 118 
GLY H2   H N N 119 
GLY HA2  H N N 120 
GLY HA3  H N N 121 
GLY HXT  H N N 122 
ILE N    N N N 123 
ILE CA   C N S 124 
ILE C    C N N 125 
ILE O    O N N 126 
ILE CB   C N S 127 
ILE CG1  C N N 128 
ILE CG2  C N N 129 
ILE CD1  C N N 130 
ILE OXT  O N N 131 
ILE H    H N N 132 
ILE H2   H N N 133 
ILE HA   H N N 134 
ILE HB   H N N 135 
ILE HG12 H N N 136 
ILE HG13 H N N 137 
ILE HG21 H N N 138 
ILE HG22 H N N 139 
ILE HG23 H N N 140 
ILE HD11 H N N 141 
ILE HD12 H N N 142 
ILE HD13 H N N 143 
ILE HXT  H N N 144 
LEU N    N N N 145 
LEU CA   C N S 146 
LEU C    C N N 147 
LEU O    O N N 148 
LEU CB   C N N 149 
LEU CG   C N N 150 
LEU CD1  C N N 151 
LEU CD2  C N N 152 
LEU OXT  O N N 153 
LEU H    H N N 154 
LEU H2   H N N 155 
LEU HA   H N N 156 
LEU HB2  H N N 157 
LEU HB3  H N N 158 
LEU HG   H N N 159 
LEU HD11 H N N 160 
LEU HD12 H N N 161 
LEU HD13 H N N 162 
LEU HD21 H N N 163 
LEU HD22 H N N 164 
LEU HD23 H N N 165 
LEU HXT  H N N 166 
LYS N    N N N 167 
LYS CA   C N S 168 
LYS C    C N N 169 
LYS O    O N N 170 
LYS CB   C N N 171 
LYS CG   C N N 172 
LYS CD   C N N 173 
LYS CE   C N N 174 
LYS NZ   N N N 175 
LYS OXT  O N N 176 
LYS H    H N N 177 
LYS H2   H N N 178 
LYS HA   H N N 179 
LYS HB2  H N N 180 
LYS HB3  H N N 181 
LYS HG2  H N N 182 
LYS HG3  H N N 183 
LYS HD2  H N N 184 
LYS HD3  H N N 185 
LYS HE2  H N N 186 
LYS HE3  H N N 187 
LYS HZ1  H N N 188 
LYS HZ2  H N N 189 
LYS HZ3  H N N 190 
LYS HXT  H N N 191 
PHE N    N N N 192 
PHE CA   C N S 193 
PHE C    C N N 194 
PHE O    O N N 195 
PHE CB   C N N 196 
PHE CG   C Y N 197 
PHE CD1  C Y N 198 
PHE CD2  C Y N 199 
PHE CE1  C Y N 200 
PHE CE2  C Y N 201 
PHE CZ   C Y N 202 
PHE OXT  O N N 203 
PHE H    H N N 204 
PHE H2   H N N 205 
PHE HA   H N N 206 
PHE HB2  H N N 207 
PHE HB3  H N N 208 
PHE HD1  H N N 209 
PHE HD2  H N N 210 
PHE HE1  H N N 211 
PHE HE2  H N N 212 
PHE HZ   H N N 213 
PHE HXT  H N N 214 
PRO N    N N N 215 
PRO CA   C N S 216 
PRO C    C N N 217 
PRO O    O N N 218 
PRO CB   C N N 219 
PRO CG   C N N 220 
PRO CD   C N N 221 
PRO OXT  O N N 222 
PRO H    H N N 223 
PRO HA   H N N 224 
PRO HB2  H N N 225 
PRO HB3  H N N 226 
PRO HG2  H N N 227 
PRO HG3  H N N 228 
PRO HD2  H N N 229 
PRO HD3  H N N 230 
PRO HXT  H N N 231 
SER N    N N N 232 
SER CA   C N S 233 
SER C    C N N 234 
SER O    O N N 235 
SER CB   C N N 236 
SER OG   O N N 237 
SER OXT  O N N 238 
SER H    H N N 239 
SER H2   H N N 240 
SER HA   H N N 241 
SER HB2  H N N 242 
SER HB3  H N N 243 
SER HG   H N N 244 
SER HXT  H N N 245 
THR N    N N N 246 
THR CA   C N S 247 
THR C    C N N 248 
THR O    O N N 249 
THR CB   C N R 250 
THR OG1  O N N 251 
THR CG2  C N N 252 
THR OXT  O N N 253 
THR H    H N N 254 
THR H2   H N N 255 
THR HA   H N N 256 
THR HB   H N N 257 
THR HG1  H N N 258 
THR HG21 H N N 259 
THR HG22 H N N 260 
THR HG23 H N N 261 
THR HXT  H N N 262 
TRP N    N N N 263 
TRP CA   C N S 264 
TRP C    C N N 265 
TRP O    O N N 266 
TRP CB   C N N 267 
TRP CG   C Y N 268 
TRP CD1  C Y N 269 
TRP CD2  C Y N 270 
TRP NE1  N Y N 271 
TRP CE2  C Y N 272 
TRP CE3  C Y N 273 
TRP CZ2  C Y N 274 
TRP CZ3  C Y N 275 
TRP CH2  C Y N 276 
TRP OXT  O N N 277 
TRP H    H N N 278 
TRP H2   H N N 279 
TRP HA   H N N 280 
TRP HB2  H N N 281 
TRP HB3  H N N 282 
TRP HD1  H N N 283 
TRP HE1  H N N 284 
TRP HE3  H N N 285 
TRP HZ2  H N N 286 
TRP HZ3  H N N 287 
TRP HH2  H N N 288 
TRP HXT  H N N 289 
TYR N    N N N 290 
TYR CA   C N S 291 
TYR C    C N N 292 
TYR O    O N N 293 
TYR CB   C N N 294 
TYR CG   C Y N 295 
TYR CD1  C Y N 296 
TYR CD2  C Y N 297 
TYR CE1  C Y N 298 
TYR CE2  C Y N 299 
TYR CZ   C Y N 300 
TYR OH   O N N 301 
TYR OXT  O N N 302 
TYR H    H N N 303 
TYR H2   H N N 304 
TYR HA   H N N 305 
TYR HB2  H N N 306 
TYR HB3  H N N 307 
TYR HD1  H N N 308 
TYR HD2  H N N 309 
TYR HE1  H N N 310 
TYR HE2  H N N 311 
TYR HH   H N N 312 
TYR HXT  H N N 313 
VAL N    N N N 314 
VAL CA   C N S 315 
VAL C    C N N 316 
VAL O    O N N 317 
VAL CB   C N N 318 
VAL CG1  C N N 319 
VAL CG2  C N N 320 
VAL OXT  O N N 321 
VAL H    H N N 322 
VAL H2   H N N 323 
VAL HA   H N N 324 
VAL HB   H N N 325 
VAL HG11 H N N 326 
VAL HG12 H N N 327 
VAL HG13 H N N 328 
VAL HG21 H N N 329 
VAL HG22 H N N 330 
VAL HG23 H N N 331 
VAL HXT  H N N 332 
# 
loop_
_chem_comp_bond.comp_id 
_chem_comp_bond.atom_id_1 
_chem_comp_bond.atom_id_2 
_chem_comp_bond.value_order 
_chem_comp_bond.pdbx_aromatic_flag 
_chem_comp_bond.pdbx_stereo_config 
_chem_comp_bond.pdbx_ordinal 
ALA N   CA   sing N N 1   
ALA N   H    sing N N 2   
ALA N   H2   sing N N 3   
ALA CA  C    sing N N 4   
ALA CA  CB   sing N N 5   
ALA CA  HA   sing N N 6   
ALA C   O    doub N N 7   
ALA C   OXT  sing N N 8   
ALA CB  HB1  sing N N 9   
ALA CB  HB2  sing N N 10  
ALA CB  HB3  sing N N 11  
ALA OXT HXT  sing N N 12  
ARG N   CA   sing N N 13  
ARG N   H    sing N N 14  
ARG N   H2   sing N N 15  
ARG CA  C    sing N N 16  
ARG CA  CB   sing N N 17  
ARG CA  HA   sing N N 18  
ARG C   O    doub N N 19  
ARG C   OXT  sing N N 20  
ARG CB  CG   sing N N 21  
ARG CB  HB2  sing N N 22  
ARG CB  HB3  sing N N 23  
ARG CG  CD   sing N N 24  
ARG CG  HG2  sing N N 25  
ARG CG  HG3  sing N N 26  
ARG CD  NE   sing N N 27  
ARG CD  HD2  sing N N 28  
ARG CD  HD3  sing N N 29  
ARG NE  CZ   sing N N 30  
ARG NE  HE   sing N N 31  
ARG CZ  NH1  sing N N 32  
ARG CZ  NH2  doub N N 33  
ARG NH1 HH11 sing N N 34  
ARG NH1 HH12 sing N N 35  
ARG NH2 HH21 sing N N 36  
ARG NH2 HH22 sing N N 37  
ARG OXT HXT  sing N N 38  
ASN N   CA   sing N N 39  
ASN N   H    sing N N 40  
ASN N   H2   sing N N 41  
ASN CA  C    sing N N 42  
ASN CA  CB   sing N N 43  
ASN CA  HA   sing N N 44  
ASN C   O    doub N N 45  
ASN C   OXT  sing N N 46  
ASN CB  CG   sing N N 47  
ASN CB  HB2  sing N N 48  
ASN CB  HB3  sing N N 49  
ASN CG  OD1  doub N N 50  
ASN CG  ND2  sing N N 51  
ASN ND2 HD21 sing N N 52  
ASN ND2 HD22 sing N N 53  
ASN OXT HXT  sing N N 54  
ASP N   CA   sing N N 55  
ASP N   H    sing N N 56  
ASP N   H2   sing N N 57  
ASP CA  C    sing N N 58  
ASP CA  CB   sing N N 59  
ASP CA  HA   sing N N 60  
ASP C   O    doub N N 61  
ASP C   OXT  sing N N 62  
ASP CB  CG   sing N N 63  
ASP CB  HB2  sing N N 64  
ASP CB  HB3  sing N N 65  
ASP CG  OD1  doub N N 66  
ASP CG  OD2  sing N N 67  
ASP OD2 HD2  sing N N 68  
ASP OXT HXT  sing N N 69  
GLN N   CA   sing N N 70  
GLN N   H    sing N N 71  
GLN N   H2   sing N N 72  
GLN CA  C    sing N N 73  
GLN CA  CB   sing N N 74  
GLN CA  HA   sing N N 75  
GLN C   O    doub N N 76  
GLN C   OXT  sing N N 77  
GLN CB  CG   sing N N 78  
GLN CB  HB2  sing N N 79  
GLN CB  HB3  sing N N 80  
GLN CG  CD   sing N N 81  
GLN CG  HG2  sing N N 82  
GLN CG  HG3  sing N N 83  
GLN CD  OE1  doub N N 84  
GLN CD  NE2  sing N N 85  
GLN NE2 HE21 sing N N 86  
GLN NE2 HE22 sing N N 87  
GLN OXT HXT  sing N N 88  
GLU N   CA   sing N N 89  
GLU N   H    sing N N 90  
GLU N   H2   sing N N 91  
GLU CA  C    sing N N 92  
GLU CA  CB   sing N N 93  
GLU CA  HA   sing N N 94  
GLU C   O    doub N N 95  
GLU C   OXT  sing N N 96  
GLU CB  CG   sing N N 97  
GLU CB  HB2  sing N N 98  
GLU CB  HB3  sing N N 99  
GLU CG  CD   sing N N 100 
GLU CG  HG2  sing N N 101 
GLU CG  HG3  sing N N 102 
GLU CD  OE1  doub N N 103 
GLU CD  OE2  sing N N 104 
GLU OE2 HE2  sing N N 105 
GLU OXT HXT  sing N N 106 
GLY N   CA   sing N N 107 
GLY N   H    sing N N 108 
GLY N   H2   sing N N 109 
GLY CA  C    sing N N 110 
GLY CA  HA2  sing N N 111 
GLY CA  HA3  sing N N 112 
GLY C   O    doub N N 113 
GLY C   OXT  sing N N 114 
GLY OXT HXT  sing N N 115 
ILE N   CA   sing N N 116 
ILE N   H    sing N N 117 
ILE N   H2   sing N N 118 
ILE CA  C    sing N N 119 
ILE CA  CB   sing N N 120 
ILE CA  HA   sing N N 121 
ILE C   O    doub N N 122 
ILE C   OXT  sing N N 123 
ILE CB  CG1  sing N N 124 
ILE CB  CG2  sing N N 125 
ILE CB  HB   sing N N 126 
ILE CG1 CD1  sing N N 127 
ILE CG1 HG12 sing N N 128 
ILE CG1 HG13 sing N N 129 
ILE CG2 HG21 sing N N 130 
ILE CG2 HG22 sing N N 131 
ILE CG2 HG23 sing N N 132 
ILE CD1 HD11 sing N N 133 
ILE CD1 HD12 sing N N 134 
ILE CD1 HD13 sing N N 135 
ILE OXT HXT  sing N N 136 
LEU N   CA   sing N N 137 
LEU N   H    sing N N 138 
LEU N   H2   sing N N 139 
LEU CA  C    sing N N 140 
LEU CA  CB   sing N N 141 
LEU CA  HA   sing N N 142 
LEU C   O    doub N N 143 
LEU C   OXT  sing N N 144 
LEU CB  CG   sing N N 145 
LEU CB  HB2  sing N N 146 
LEU CB  HB3  sing N N 147 
LEU CG  CD1  sing N N 148 
LEU CG  CD2  sing N N 149 
LEU CG  HG   sing N N 150 
LEU CD1 HD11 sing N N 151 
LEU CD1 HD12 sing N N 152 
LEU CD1 HD13 sing N N 153 
LEU CD2 HD21 sing N N 154 
LEU CD2 HD22 sing N N 155 
LEU CD2 HD23 sing N N 156 
LEU OXT HXT  sing N N 157 
LYS N   CA   sing N N 158 
LYS N   H    sing N N 159 
LYS N   H2   sing N N 160 
LYS CA  C    sing N N 161 
LYS CA  CB   sing N N 162 
LYS CA  HA   sing N N 163 
LYS C   O    doub N N 164 
LYS C   OXT  sing N N 165 
LYS CB  CG   sing N N 166 
LYS CB  HB2  sing N N 167 
LYS CB  HB3  sing N N 168 
LYS CG  CD   sing N N 169 
LYS CG  HG2  sing N N 170 
LYS CG  HG3  sing N N 171 
LYS CD  CE   sing N N 172 
LYS CD  HD2  sing N N 173 
LYS CD  HD3  sing N N 174 
LYS CE  NZ   sing N N 175 
LYS CE  HE2  sing N N 176 
LYS CE  HE3  sing N N 177 
LYS NZ  HZ1  sing N N 178 
LYS NZ  HZ2  sing N N 179 
LYS NZ  HZ3  sing N N 180 
LYS OXT HXT  sing N N 181 
PHE N   CA   sing N N 182 
PHE N   H    sing N N 183 
PHE N   H2   sing N N 184 
PHE CA  C    sing N N 185 
PHE CA  CB   sing N N 186 
PHE CA  HA   sing N N 187 
PHE C   O    doub N N 188 
PHE C   OXT  sing N N 189 
PHE CB  CG   sing N N 190 
PHE CB  HB2  sing N N 191 
PHE CB  HB3  sing N N 192 
PHE CG  CD1  doub Y N 193 
PHE CG  CD2  sing Y N 194 
PHE CD1 CE1  sing Y N 195 
PHE CD1 HD1  sing N N 196 
PHE CD2 CE2  doub Y N 197 
PHE CD2 HD2  sing N N 198 
PHE CE1 CZ   doub Y N 199 
PHE CE1 HE1  sing N N 200 
PHE CE2 CZ   sing Y N 201 
PHE CE2 HE2  sing N N 202 
PHE CZ  HZ   sing N N 203 
PHE OXT HXT  sing N N 204 
PRO N   CA   sing N N 205 
PRO N   CD   sing N N 206 
PRO N   H    sing N N 207 
PRO CA  C    sing N N 208 
PRO CA  CB   sing N N 209 
PRO CA  HA   sing N N 210 
PRO C   O    doub N N 211 
PRO C   OXT  sing N N 212 
PRO CB  CG   sing N N 213 
PRO CB  HB2  sing N N 214 
PRO CB  HB3  sing N N 215 
PRO CG  CD   sing N N 216 
PRO CG  HG2  sing N N 217 
PRO CG  HG3  sing N N 218 
PRO CD  HD2  sing N N 219 
PRO CD  HD3  sing N N 220 
PRO OXT HXT  sing N N 221 
SER N   CA   sing N N 222 
SER N   H    sing N N 223 
SER N   H2   sing N N 224 
SER CA  C    sing N N 225 
SER CA  CB   sing N N 226 
SER CA  HA   sing N N 227 
SER C   O    doub N N 228 
SER C   OXT  sing N N 229 
SER CB  OG   sing N N 230 
SER CB  HB2  sing N N 231 
SER CB  HB3  sing N N 232 
SER OG  HG   sing N N 233 
SER OXT HXT  sing N N 234 
THR N   CA   sing N N 235 
THR N   H    sing N N 236 
THR N   H2   sing N N 237 
THR CA  C    sing N N 238 
THR CA  CB   sing N N 239 
THR CA  HA   sing N N 240 
THR C   O    doub N N 241 
THR C   OXT  sing N N 242 
THR CB  OG1  sing N N 243 
THR CB  CG2  sing N N 244 
THR CB  HB   sing N N 245 
THR OG1 HG1  sing N N 246 
THR CG2 HG21 sing N N 247 
THR CG2 HG22 sing N N 248 
THR CG2 HG23 sing N N 249 
THR OXT HXT  sing N N 250 
TRP N   CA   sing N N 251 
TRP N   H    sing N N 252 
TRP N   H2   sing N N 253 
TRP CA  C    sing N N 254 
TRP CA  CB   sing N N 255 
TRP CA  HA   sing N N 256 
TRP C   O    doub N N 257 
TRP C   OXT  sing N N 258 
TRP CB  CG   sing N N 259 
TRP CB  HB2  sing N N 260 
TRP CB  HB3  sing N N 261 
TRP CG  CD1  doub Y N 262 
TRP CG  CD2  sing Y N 263 
TRP CD1 NE1  sing Y N 264 
TRP CD1 HD1  sing N N 265 
TRP CD2 CE2  doub Y N 266 
TRP CD2 CE3  sing Y N 267 
TRP NE1 CE2  sing Y N 268 
TRP NE1 HE1  sing N N 269 
TRP CE2 CZ2  sing Y N 270 
TRP CE3 CZ3  doub Y N 271 
TRP CE3 HE3  sing N N 272 
TRP CZ2 CH2  doub Y N 273 
TRP CZ2 HZ2  sing N N 274 
TRP CZ3 CH2  sing Y N 275 
TRP CZ3 HZ3  sing N N 276 
TRP CH2 HH2  sing N N 277 
TRP OXT HXT  sing N N 278 
TYR N   CA   sing N N 279 
TYR N   H    sing N N 280 
TYR N   H2   sing N N 281 
TYR CA  C    sing N N 282 
TYR CA  CB   sing N N 283 
TYR CA  HA   sing N N 284 
TYR C   O    doub N N 285 
TYR C   OXT  sing N N 286 
TYR CB  CG   sing N N 287 
TYR CB  HB2  sing N N 288 
TYR CB  HB3  sing N N 289 
TYR CG  CD1  doub Y N 290 
TYR CG  CD2  sing Y N 291 
TYR CD1 CE1  sing Y N 292 
TYR CD1 HD1  sing N N 293 
TYR CD2 CE2  doub Y N 294 
TYR CD2 HD2  sing N N 295 
TYR CE1 CZ   doub Y N 296 
TYR CE1 HE1  sing N N 297 
TYR CE2 CZ   sing Y N 298 
TYR CE2 HE2  sing N N 299 
TYR CZ  OH   sing N N 300 
TYR OH  HH   sing N N 301 
TYR OXT HXT  sing N N 302 
VAL N   CA   sing N N 303 
VAL N   H    sing N N 304 
VAL N   H2   sing N N 305 
VAL CA  C    sing N N 306 
VAL CA  CB   sing N N 307 
VAL CA  HA   sing N N 308 
VAL C   O    doub N N 309 
VAL C   OXT  sing N N 310 
VAL CB  CG1  sing N N 311 
VAL CB  CG2  sing N N 312 
VAL CB  HB   sing N N 313 
VAL CG1 HG11 sing N N 314 
VAL CG1 HG12 sing N N 315 
VAL CG1 HG13 sing N N 316 
VAL CG2 HG21 sing N N 317 
VAL CG2 HG22 sing N N 318 
VAL CG2 HG23 sing N N 319 
VAL OXT HXT  sing N N 320 
# 
_atom_sites.entry_id                    1FNA 
_atom_sites.fract_transf_matrix[1][1]   0.02641577 
_atom_sites.fract_transf_matrix[1][2]   -0.00812477 
_atom_sites.fract_transf_matrix[1][3]   -0.01990922 
_atom_sites.fract_transf_matrix[2][1]   0.01622688 
_atom_sites.fract_transf_matrix[2][2]   0.01890929 
_atom_sites.fract_transf_matrix[2][3]   0.01381329 
_atom_sites.fract_transf_matrix[3][1]   0.01351209 
_atom_sites.fract_transf_matrix[3][2]   -0.02073878 
_atom_sites.fract_transf_matrix[3][3]   0.01251668 
_atom_sites.fract_transf_vector[1]      -0.011566 
_atom_sites.fract_transf_vector[2]      0.681121 
_atom_sites.fract_transf_vector[3]      0.183431 
# 
loop_
_atom_type.symbol 
C 
H 
N 
O 
# 
loop_
_atom_site.group_PDB 
_atom_site.id 
_atom_site.type_symbol 
_atom_site.label_atom_id 
_atom_site.label_alt_id 
_atom_site.label_comp_id 
_atom_site.label_asym_id 
_atom_site.label_entity_id 
_atom_site.label_seq_id 
_atom_site.pdbx_PDB_ins_code 
_atom_site.Cartn_x 
_atom_site.Cartn_y 
_atom_site.Cartn_z 
_atom_site.occupancy 
_atom_site.B_iso_or_equiv 
_atom_site.pdbx_formal_charge 
_atom_site.auth_seq_id 
_atom_site.auth_comp_id 
_atom_site.auth_asym_id 
_atom_site.auth_atom_id 
_atom_site.pdbx_PDB_model_num 
ATOM 1   N N    . ARG A 1 1  ? 9.148   -2.774  9.494   1.00 42.91 ? 6  ARG A N    1 
ATOM 2   C CA   . ARG A 1 1  ? 8.402   -3.353  8.367   1.00 42.23 ? 6  ARG A CA   1 
ATOM 3   C C    . ARG A 1 1  ? 9.011   -2.868  7.045   1.00 41.80 ? 6  ARG A C    1 
ATOM 4   O O    . ARG A 1 1  ? 9.505   -1.731  6.926   1.00 35.46 ? 6  ARG A O    1 
ATOM 5   H H1   . ARG A 1 1  ? 9.094   -1.737  9.450   1.00 0.00  ? 6  ARG A H1   1 
ATOM 6   H H2   . ARG A 1 1  ? 8.734   -3.105  10.390  1.00 0.00  ? 6  ARG A H2   1 
ATOM 7   H H3   . ARG A 1 1  ? 10.143  -3.072  9.442   1.00 0.00  ? 6  ARG A H3   1 
ATOM 8   N N    . ASP A 1 2  ? 8.962   -3.773  6.078   1.00 31.59 ? 7  ASP A N    1 
ATOM 9   C CA   . ASP A 1 2  ? 9.490   -3.619  4.732   1.00 28.50 ? 7  ASP A CA   1 
ATOM 10  C C    . ASP A 1 2  ? 8.495   -4.085  3.652   1.00 24.60 ? 7  ASP A C    1 
ATOM 11  O O    . ASP A 1 2  ? 8.148   -5.265  3.458   1.00 39.18 ? 7  ASP A O    1 
ATOM 12  C CB   . ASP A 1 2  ? 10.838  -4.302  4.543   1.00 44.50 ? 7  ASP A CB   1 
ATOM 13  C CG   . ASP A 1 2  ? 11.095  -5.449  5.355   1.00 48.50 ? 7  ASP A CG   1 
ATOM 14  H H    . ASP A 1 2  ? 8.530   -4.625  6.290   1.00 0.00  ? 7  ASP A H    1 
ATOM 15  N N    . LEU A 1 3  ? 8.110   -3.106  2.880   1.00 16.33 ? 8  LEU A N    1 
ATOM 16  C CA   . LEU A 1 3  ? 7.168   -3.204  1.756   1.00 11.45 ? 8  LEU A CA   1 
ATOM 17  C C    . LEU A 1 3  ? 7.928   -3.330  0.423   1.00 10.40 ? 8  LEU A C    1 
ATOM 18  O O    . LEU A 1 3  ? 8.888   -2.537  0.262   1.00 11.63 ? 8  LEU A O    1 
ATOM 19  C CB   . LEU A 1 3  ? 6.399   -1.881  1.810   1.00 10.23 ? 8  LEU A CB   1 
ATOM 20  C CG   . LEU A 1 3  ? 5.429   -1.519  0.711   1.00 9.40  ? 8  LEU A CG   1 
ATOM 21  C CD1  . LEU A 1 3  ? 4.384   -2.611  0.513   1.00 8.17  ? 8  LEU A CD1  1 
ATOM 22  C CD2  . LEU A 1 3  ? 4.793   -0.156  1.027   1.00 8.26  ? 8  LEU A CD2  1 
ATOM 23  H H    . LEU A 1 3  ? 8.485   -2.221  3.068   1.00 0.00  ? 8  LEU A H    1 
ATOM 24  N N    . GLU A 1 4  ? 7.435   -4.242  -0.377  1.00 8.87  ? 9  GLU A N    1 
ATOM 25  C CA   . GLU A 1 4  ? 8.122   -4.420  -1.690  1.00 9.66  ? 9  GLU A CA   1 
ATOM 26  C C    . GLU A 1 4  ? 7.139   -4.852  -2.758  1.00 7.87  ? 9  GLU A C    1 
ATOM 27  O O    . GLU A 1 4  ? 6.057   -5.385  -2.484  1.00 10.97 ? 9  GLU A O    1 
ATOM 28  C CB   . GLU A 1 4  ? 9.226   -5.450  -1.561  1.00 18.42 ? 9  GLU A CB   1 
ATOM 29  C CG   . GLU A 1 4  ? 8.901   -6.854  -1.101  1.00 28.82 ? 9  GLU A CG   1 
ATOM 30  C CD   . GLU A 1 4  ? 10.147  -7.722  -1.046  1.00 35.11 ? 9  GLU A CD   1 
ATOM 31  O OE1  . GLU A 1 4  ? 10.839  -7.452  -0.034  1.00 40.49 ? 9  GLU A OE1  1 
ATOM 32  O OE2  . GLU A 1 4  ? 10.455  -8.568  -1.857  1.00 37.02 ? 9  GLU A OE2  1 
ATOM 33  H H    . GLU A 1 4  ? 6.656   -4.781  -0.127  1.00 0.00  ? 9  GLU A H    1 
ATOM 34  N N    . VAL A 1 5  ? 7.564   -4.515  -3.985  1.00 7.62  ? 10 VAL A N    1 
ATOM 35  C CA   . VAL A 1 5  ? 6.782   -4.879  -5.181  1.00 5.48  ? 10 VAL A CA   1 
ATOM 36  C C    . VAL A 1 5  ? 7.332   -6.245  -5.570  1.00 6.18  ? 10 VAL A C    1 
ATOM 37  O O    . VAL A 1 5  ? 8.541   -6.248  -5.959  1.00 8.72  ? 10 VAL A O    1 
ATOM 38  C CB   . VAL A 1 5  ? 6.904   -3.773  -6.246  1.00 5.15  ? 10 VAL A CB   1 
ATOM 39  C CG1  . VAL A 1 5  ? 6.214   -4.277  -7.516  1.00 3.94  ? 10 VAL A CG1  1 
ATOM 40  C CG2  . VAL A 1 5  ? 6.279   -2.439  -5.878  1.00 7.56  ? 10 VAL A CG2  1 
ATOM 41  H H    . VAL A 1 5  ? 8.404   -4.022  -4.088  1.00 0.00  ? 10 VAL A H    1 
ATOM 42  N N    . VAL A 1 6  ? 6.623   -7.345  -5.468  1.00 4.14  ? 11 VAL A N    1 
ATOM 43  C CA   . VAL A 1 6  ? 7.125   -8.655  -5.809  1.00 4.58  ? 11 VAL A CA   1 
ATOM 44  C C    . VAL A 1 6  ? 6.851   -9.094  -7.232  1.00 4.34  ? 11 VAL A C    1 
ATOM 45  O O    . VAL A 1 6  ? 7.608   -10.016 -7.682  1.00 9.59  ? 11 VAL A O    1 
ATOM 46  C CB   . VAL A 1 6  ? 6.577   -9.661  -4.762  1.00 10.45 ? 11 VAL A CB   1 
ATOM 47  C CG1  . VAL A 1 6  ? 6.918   -9.182  -3.336  1.00 13.79 ? 11 VAL A CG1  1 
ATOM 48  C CG2  . VAL A 1 6  ? 5.096   -9.790  -4.950  1.00 10.88 ? 11 VAL A CG2  1 
ATOM 49  H H    . VAL A 1 6  ? 5.702   -7.273  -5.143  1.00 0.00  ? 11 VAL A H    1 
ATOM 50  N N    . ALA A 1 7  ? 5.865   -8.533  -7.868  1.00 7.06  ? 12 ALA A N    1 
ATOM 51  C CA   . ALA A 1 7  ? 5.500   -8.867  -9.261  1.00 6.37  ? 12 ALA A CA   1 
ATOM 52  C C    . ALA A 1 7  ? 4.910   -7.599  -9.847  1.00 6.12  ? 12 ALA A C    1 
ATOM 53  O O    . ALA A 1 7  ? 4.238   -6.782  -9.166  1.00 4.69  ? 12 ALA A O    1 
ATOM 54  C CB   . ALA A 1 7  ? 4.571   -10.058 -9.452  1.00 7.89  ? 12 ALA A CB   1 
ATOM 55  H H    . ALA A 1 7  ? 5.336   -7.854  -7.400  1.00 0.00  ? 12 ALA A H    1 
ATOM 56  N N    . ALA A 1 8  ? 5.176   -7.339  -11.171 1.00 2.87  ? 13 ALA A N    1 
ATOM 57  C CA   . ALA A 1 8  ? 4.601   -6.122  -11.758 1.00 2.00  ? 13 ALA A CA   1 
ATOM 58  C C    . ALA A 1 8  ? 4.474   -6.177  -13.264 1.00 2.94  ? 13 ALA A C    1 
ATOM 59  O O    . ALA A 1 8  ? 5.147   -7.031  -13.904 1.00 7.08  ? 13 ALA A O    1 
ATOM 60  C CB   . ALA A 1 8  ? 5.419   -4.920  -11.320 1.00 4.17  ? 13 ALA A CB   1 
ATOM 61  H H    . ALA A 1 8  ? 5.730   -7.946  -11.705 1.00 0.00  ? 13 ALA A H    1 
ATOM 62  N N    . THR A 1 9  ? 3.651   -5.294  -13.768 1.00 4.87  ? 14 THR A N    1 
ATOM 63  C CA   . THR A 1 9  ? 3.425   -5.132  -15.227 1.00 5.69  ? 14 THR A CA   1 
ATOM 64  C C    . THR A 1 9  ? 3.363   -3.633  -15.426 1.00 4.74  ? 14 THR A C    1 
ATOM 65  O O    . THR A 1 9  ? 3.420   -2.912  -14.393 1.00 6.46  ? 14 THR A O    1 
ATOM 66  C CB   . THR A 1 9  ? 2.152   -5.914  -15.687 1.00 6.23  ? 14 THR A CB   1 
ATOM 67  O OG1  . THR A 1 9  ? 0.959   -5.084  -15.449 1.00 5.17  ? 14 THR A OG1  1 
ATOM 68  C CG2  . THR A 1 9  ? 1.962   -7.381  -15.269 1.00 7.14  ? 14 THR A CG2  1 
ATOM 69  H H    . THR A 1 9  ? 3.159   -4.711  -13.153 1.00 0.00  ? 14 THR A H    1 
ATOM 70  H HG1  . THR A 1 9  ? 1.032   -4.268  -15.949 1.00 0.00  ? 14 THR A HG1  1 
ATOM 71  N N    . PRO A 1 10 ? 3.179   -3.113  -16.624 1.00 3.49  ? 15 PRO A N    1 
ATOM 72  C CA   . PRO A 1 10 ? 3.121   -1.683  -16.807 1.00 3.68  ? 15 PRO A CA   1 
ATOM 73  C C    . PRO A 1 10 ? 1.851   -1.053  -16.180 1.00 2.00  ? 15 PRO A C    1 
ATOM 74  O O    . PRO A 1 10 ? 1.832   0.119   -15.982 1.00 3.25  ? 15 PRO A O    1 
ATOM 75  C CB   . PRO A 1 10 ? 3.056   -1.446  -18.338 1.00 3.09  ? 15 PRO A CB   1 
ATOM 76  C CG   . PRO A 1 10 ? 3.580   -2.759  -18.931 1.00 2.11  ? 15 PRO A CG   1 
ATOM 77  C CD   . PRO A 1 10 ? 3.236   -3.872  -17.900 1.00 3.14  ? 15 PRO A CD   1 
ATOM 78  N N    . THR A 1 11 ? 0.852   -1.893  -15.900 1.00 2.39  ? 16 THR A N    1 
ATOM 79  C CA   . THR A 1 11 ? -0.439  -1.393  -15.414 1.00 2.00  ? 16 THR A CA   1 
ATOM 80  C C    . THR A 1 11 ? -0.934  -2.011  -14.064 1.00 2.01  ? 16 THR A C    1 
ATOM 81  O O    . THR A 1 11 ? -2.060  -1.599  -13.727 1.00 2.00  ? 16 THR A O    1 
ATOM 82  C CB   . THR A 1 11 ? -1.521  -1.745  -16.551 1.00 2.00  ? 16 THR A CB   1 
ATOM 83  O OG1  . THR A 1 11 ? -1.490  -3.146  -16.916 1.00 3.40  ? 16 THR A OG1  1 
ATOM 84  C CG2  . THR A 1 11 ? -1.305  -0.833  -17.792 1.00 2.00  ? 16 THR A CG2  1 
ATOM 85  H H    . THR A 1 11 ? 0.983   -2.857  -16.021 1.00 0.00  ? 16 THR A H    1 
ATOM 86  H HG1  . THR A 1 11 ? -0.619  -3.370  -17.253 1.00 0.00  ? 16 THR A HG1  1 
ATOM 87  N N    . SER A 1 12 ? -0.176  -2.874  -13.511 1.00 5.02  ? 17 SER A N    1 
ATOM 88  C CA   . SER A 1 12 ? -0.619  -3.480  -12.206 1.00 7.62  ? 17 SER A CA   1 
ATOM 89  C C    . SER A 1 12 ? 0.557   -4.035  -11.477 1.00 8.21  ? 17 SER A C    1 
ATOM 90  O O    . SER A 1 12 ? 1.613   -4.349  -12.079 1.00 6.93  ? 17 SER A O    1 
ATOM 91  C CB   . SER A 1 12 ? -1.653  -4.539  -12.508 1.00 6.81  ? 17 SER A CB   1 
ATOM 92  O OG   . SER A 1 12 ? -1.027  -5.725  -13.062 1.00 12.75 ? 17 SER A OG   1 
ATOM 93  H H    . SER A 1 12 ? 0.672   -3.136  -13.924 1.00 0.00  ? 17 SER A H    1 
ATOM 94  H HG   . SER A 1 12 ? -0.395  -6.078  -12.431 1.00 0.00  ? 17 SER A HG   1 
ATOM 95  N N    . LEU A 1 13 ? 0.412   -4.174  -10.120 1.00 3.81  ? 18 LEU A N    1 
ATOM 96  C CA   . LEU A 1 13 ? 1.533   -4.753  -9.373  1.00 4.57  ? 18 LEU A CA   1 
ATOM 97  C C    . LEU A 1 13 ? 1.007   -5.557  -8.156  1.00 4.00  ? 18 LEU A C    1 
ATOM 98  O O    . LEU A 1 13 ? -0.179  -5.357  -7.923  1.00 5.97  ? 18 LEU A O    1 
ATOM 99  C CB   . LEU A 1 13 ? 2.510   -3.690  -8.918  1.00 10.35 ? 18 LEU A CB   1 
ATOM 100 C CG   . LEU A 1 13 ? 1.918   -2.481  -8.278  1.00 10.29 ? 18 LEU A CG   1 
ATOM 101 C CD1  . LEU A 1 13 ? 1.911   -2.709  -6.738  1.00 12.96 ? 18 LEU A CD1  1 
ATOM 102 C CD2  . LEU A 1 13 ? 2.710   -1.225  -8.555  1.00 12.40 ? 18 LEU A CD2  1 
ATOM 103 H H    . LEU A 1 13 ? -0.410  -3.896  -9.667  1.00 0.00  ? 18 LEU A H    1 
ATOM 104 N N    . LEU A 1 14 ? 1.923   -6.301  -7.676  1.00 4.75  ? 19 LEU A N    1 
ATOM 105 C CA   . LEU A 1 14 ? 1.583   -7.138  -6.451  1.00 4.90  ? 19 LEU A CA   1 
ATOM 106 C C    . LEU A 1 14 ? 2.542   -6.628  -5.408  1.00 5.43  ? 19 LEU A C    1 
ATOM 107 O O    . LEU A 1 14 ? 3.796   -6.598  -5.580  1.00 6.78  ? 19 LEU A O    1 
ATOM 108 C CB   . LEU A 1 14 ? 1.720   -8.552  -6.908  1.00 5.63  ? 19 LEU A CB   1 
ATOM 109 C CG   . LEU A 1 14 ? 1.216   -9.794  -6.241  1.00 11.58 ? 19 LEU A CG   1 
ATOM 110 C CD1  . LEU A 1 14 ? 2.150   -10.962 -6.035  1.00 10.47 ? 19 LEU A CD1  1 
ATOM 111 C CD2  . LEU A 1 14 ? 0.373   -9.515  -5.001  1.00 9.33  ? 19 LEU A CD2  1 
ATOM 112 H H    . LEU A 1 14 ? 2.814   -6.333  -8.081  1.00 0.00  ? 19 LEU A H    1 
ATOM 113 N N    . ILE A 1 15 ? 2.016   -6.145  -4.261  1.00 2.63  ? 20 ILE A N    1 
ATOM 114 C CA   . ILE A 1 15 ? 2.821   -5.658  -3.151  1.00 4.48  ? 20 ILE A CA   1 
ATOM 115 C C    . ILE A 1 15 ? 2.741   -6.676  -2.004  1.00 3.02  ? 20 ILE A C    1 
ATOM 116 O O    . ILE A 1 15 ? 1.732   -7.392  -1.925  1.00 2.71  ? 20 ILE A O    1 
ATOM 117 C CB   . ILE A 1 15 ? 2.560   -4.218  -2.628  1.00 4.15  ? 20 ILE A CB   1 
ATOM 118 C CG1  . ILE A 1 15 ? 1.028   -4.099  -2.375  1.00 3.83  ? 20 ILE A CG1  1 
ATOM 119 C CG2  . ILE A 1 15 ? 3.035   -3.061  -3.596  1.00 4.49  ? 20 ILE A CG2  1 
ATOM 120 C CD1  . ILE A 1 15 ? 0.710   -2.760  -1.650  1.00 4.87  ? 20 ILE A CD1  1 
ATOM 121 H H    . ILE A 1 15 ? 1.040   -6.121  -4.172  1.00 0.00  ? 20 ILE A H    1 
ATOM 122 N N    . SER A 1 16 ? 3.769   -6.727  -1.241  1.00 2.29  ? 21 SER A N    1 
ATOM 123 C CA   . SER A 1 16 ? 3.896   -7.633  -0.065  1.00 3.84  ? 21 SER A CA   1 
ATOM 124 C C    . SER A 1 16 ? 4.551   -6.808  1.026   1.00 4.69  ? 21 SER A C    1 
ATOM 125 O O    . SER A 1 16 ? 5.410   -5.973  0.779   1.00 4.41  ? 21 SER A O    1 
ATOM 126 C CB   . SER A 1 16 ? 4.745   -8.850  -0.381  1.00 5.87  ? 21 SER A CB   1 
ATOM 127 O OG   . SER A 1 16 ? 5.052   -9.706  0.684   1.00 10.68 ? 21 SER A OG   1 
ATOM 128 H H    . SER A 1 16 ? 4.520   -6.131  -1.443  1.00 0.00  ? 21 SER A H    1 
ATOM 129 H HG   . SER A 1 16 ? 5.536   -9.221  1.356   1.00 0.00  ? 21 SER A HG   1 
ATOM 130 N N    . TRP A 1 17 ? 4.122   -7.054  2.279   1.00 6.83  ? 22 TRP A N    1 
ATOM 131 C CA   . TRP A 1 17 ? 4.656   -6.349  3.456   1.00 7.01  ? 22 TRP A CA   1 
ATOM 132 C C    . TRP A 1 17 ? 4.726   -7.309  4.639   1.00 9.49  ? 22 TRP A C    1 
ATOM 133 O O    . TRP A 1 17 ? 4.197   -8.394  4.567   1.00 8.25  ? 22 TRP A O    1 
ATOM 134 C CB   . TRP A 1 17 ? 3.859   -5.072  3.748   1.00 7.78  ? 22 TRP A CB   1 
ATOM 135 C CG   . TRP A 1 17 ? 2.426   -5.334  4.072   1.00 9.03  ? 22 TRP A CG   1 
ATOM 136 C CD1  . TRP A 1 17 ? 1.902   -5.537  5.353   1.00 8.83  ? 22 TRP A CD1  1 
ATOM 137 C CD2  . TRP A 1 17 ? 1.332   -5.425  3.162   1.00 7.15  ? 22 TRP A CD2  1 
ATOM 138 N NE1  . TRP A 1 17 ? 0.551   -5.759  5.222   1.00 7.22  ? 22 TRP A NE1  1 
ATOM 139 C CE2  . TRP A 1 17 ? 0.150   -5.689  3.929   1.00 7.08  ? 22 TRP A CE2  1 
ATOM 140 C CE3  . TRP A 1 17 ? 1.207   -5.267  1.782   1.00 6.81  ? 22 TRP A CE3  1 
ATOM 141 C CZ2  . TRP A 1 17 ? -1.055  -5.850  3.307   1.00 5.81  ? 22 TRP A CZ2  1 
ATOM 142 C CZ3  . TRP A 1 17 ? -0.022  -5.420  1.191   1.00 7.41  ? 22 TRP A CZ3  1 
ATOM 143 C CH2  . TRP A 1 17 ? -1.193  -5.752  1.936   1.00 7.82  ? 22 TRP A CH2  1 
ATOM 144 H H    . TRP A 1 17 ? 3.426   -7.730  2.413   1.00 0.00  ? 22 TRP A H    1 
ATOM 145 H HE1  . TRP A 1 17 ? -0.049  -5.944  5.972   1.00 0.00  ? 22 TRP A HE1  1 
ATOM 146 N N    . ASP A 1 18 ? 5.397   -6.883  5.694   1.00 13.23 ? 23 ASP A N    1 
ATOM 147 C CA   . ASP A 1 18 ? 5.519   -7.669  6.918   1.00 16.30 ? 23 ASP A CA   1 
ATOM 148 C C    . ASP A 1 18 ? 4.345   -7.241  7.844   1.00 14.24 ? 23 ASP A C    1 
ATOM 149 O O    . ASP A 1 18 ? 4.136   -6.038  7.886   1.00 15.21 ? 23 ASP A O    1 
ATOM 150 C CB   . ASP A 1 18 ? 6.854   -7.422  7.624   1.00 21.10 ? 23 ASP A CB   1 
ATOM 151 C CG   . ASP A 1 18 ? 8.021   -8.030  6.840   1.00 26.90 ? 23 ASP A CG   1 
ATOM 152 O OD1  . ASP A 1 18 ? 7.834   -9.241  6.569   1.00 28.57 ? 23 ASP A OD1  1 
ATOM 153 O OD2  . ASP A 1 18 ? 8.934   -7.233  6.578   1.00 29.53 ? 23 ASP A OD2  1 
ATOM 154 H H    . ASP A 1 18 ? 5.828   -6.003  5.655   1.00 0.00  ? 23 ASP A H    1 
ATOM 155 N N    . ALA A 1 19 ? 3.747   -8.261  8.430   1.00 15.87 ? 24 ALA A N    1 
ATOM 156 C CA   . ALA A 1 19 ? 2.632   -7.920  9.392   1.00 15.79 ? 24 ALA A CA   1 
ATOM 157 C C    . ALA A 1 19 ? 3.314   -7.418  10.662  1.00 15.92 ? 24 ALA A C    1 
ATOM 158 O O    . ALA A 1 19 ? 4.419   -7.894  11.067  1.00 10.01 ? 24 ALA A O    1 
ATOM 159 C CB   . ALA A 1 19 ? 1.799   -9.188  9.531   1.00 9.79  ? 24 ALA A CB   1 
ATOM 160 H H    . ALA A 1 19 ? 4.011   -9.187  8.252   1.00 0.00  ? 24 ALA A H    1 
ATOM 161 N N    . PRO A 1 20 ? 2.705   -6.416  11.306  1.00 15.90 ? 25 PRO A N    1 
ATOM 162 C CA   . PRO A 1 20 ? 3.236   -5.822  12.536  1.00 15.01 ? 25 PRO A CA   1 
ATOM 163 C C    . PRO A 1 20 ? 3.082   -6.855  13.661  1.00 16.16 ? 25 PRO A C    1 
ATOM 164 O O    . PRO A 1 20 ? 2.507   -7.956  13.519  1.00 13.01 ? 25 PRO A O    1 
ATOM 165 C CB   . PRO A 1 20 ? 2.470   -4.533  12.791  1.00 12.14 ? 25 PRO A CB   1 
ATOM 166 C CG   . PRO A 1 20 ? 1.221   -4.676  11.952  1.00 13.12 ? 25 PRO A CG   1 
ATOM 167 C CD   . PRO A 1 20 ? 1.458   -5.761  10.919  1.00 12.54 ? 25 PRO A CD   1 
ATOM 168 N N    . ALA A 1 21 ? 3.636   -6.465  14.792  1.00 19.17 ? 26 ALA A N    1 
ATOM 169 C CA   . ALA A 1 21 ? 3.654   -7.306  15.992  1.00 20.69 ? 26 ALA A CA   1 
ATOM 170 C C    . ALA A 1 21 ? 2.281   -7.483  16.645  1.00 22.25 ? 26 ALA A C    1 
ATOM 171 O O    . ALA A 1 21 ? 2.105   -8.435  17.441  1.00 29.94 ? 26 ALA A O    1 
ATOM 172 C CB   . ALA A 1 21 ? 4.713   -6.742  16.935  1.00 21.64 ? 26 ALA A CB   1 
ATOM 173 H H    . ALA A 1 21 ? 4.051   -5.579  14.831  1.00 0.00  ? 26 ALA A H    1 
ATOM 174 N N    . VAL A 1 22 ? 1.395   -6.597  16.315  1.00 14.98 ? 27 VAL A N    1 
ATOM 175 C CA   . VAL A 1 22 ? 0.034   -6.537  16.871  1.00 15.98 ? 27 VAL A CA   1 
ATOM 176 C C    . VAL A 1 22 ? -1.019  -7.122  15.936  1.00 15.70 ? 27 VAL A C    1 
ATOM 177 O O    . VAL A 1 22 ? -0.799  -7.214  14.745  1.00 21.53 ? 27 VAL A O    1 
ATOM 178 C CB   . VAL A 1 22 ? -0.208  -5.050  17.195  1.00 22.24 ? 27 VAL A CB   1 
ATOM 179 C CG1  . VAL A 1 22 ? 1.050   -4.344  17.727  1.00 25.05 ? 27 VAL A CG1  1 
ATOM 180 C CG2  . VAL A 1 22 ? -0.746  -4.199  16.056  1.00 23.03 ? 27 VAL A CG2  1 
ATOM 181 H H    . VAL A 1 22 ? 1.649   -5.922  15.653  1.00 0.00  ? 27 VAL A H    1 
ATOM 182 N N    . THR A 1 23 ? -2.145  -7.509  16.514  1.00 16.36 ? 28 THR A N    1 
ATOM 183 C CA   . THR A 1 23 ? -3.252  -8.085  15.744  1.00 15.60 ? 28 THR A CA   1 
ATOM 184 C C    . THR A 1 23 ? -3.842  -6.939  14.923  1.00 12.15 ? 28 THR A C    1 
ATOM 185 O O    . THR A 1 23 ? -4.044  -5.878  15.543  1.00 19.24 ? 28 THR A O    1 
ATOM 186 C CB   . THR A 1 23 ? -4.277  -8.750  16.775  1.00 25.18 ? 28 THR A CB   1 
ATOM 187 O OG1  . THR A 1 23 ? -3.712  -10.070 17.038  1.00 27.77 ? 28 THR A OG1  1 
ATOM 188 C CG2  . THR A 1 23 ? -5.719  -8.661  16.305  1.00 25.94 ? 28 THR A CG2  1 
ATOM 189 H H    . THR A 1 23 ? -2.242  -7.409  17.484  1.00 0.00  ? 28 THR A H    1 
ATOM 190 H HG1  . THR A 1 23 ? -3.656  -10.564 16.216  1.00 0.00  ? 28 THR A HG1  1 
ATOM 191 N N    . VAL A 1 24 ? -4.071  -7.191  13.640  1.00 7.13  ? 29 VAL A N    1 
ATOM 192 C CA   . VAL A 1 24 ? -4.624  -6.114  12.780  1.00 5.97  ? 29 VAL A CA   1 
ATOM 193 C C    . VAL A 1 24 ? -6.040  -6.407  12.332  1.00 3.91  ? 29 VAL A C    1 
ATOM 194 O O    . VAL A 1 24 ? -6.354  -7.532  11.900  1.00 7.51  ? 29 VAL A O    1 
ATOM 195 C CB   . VAL A 1 24 ? -3.699  -6.051  11.498  1.00 7.80  ? 29 VAL A CB   1 
ATOM 196 C CG1  . VAL A 1 24 ? -4.273  -5.133  10.434  1.00 5.46  ? 29 VAL A CG1  1 
ATOM 197 C CG2  . VAL A 1 24 ? -2.266  -5.706  11.851  1.00 7.91  ? 29 VAL A CG2  1 
ATOM 198 H H    . VAL A 1 24 ? -3.878  -8.076  13.265  1.00 0.00  ? 29 VAL A H    1 
ATOM 199 N N    . ARG A 1 25 ? -6.903  -5.386  12.363  1.00 6.38  ? 30 ARG A N    1 
ATOM 200 C CA   . ARG A 1 25 ? -8.283  -5.478  11.874  1.00 7.07  ? 30 ARG A CA   1 
ATOM 201 C C    . ARG A 1 25 ? -8.269  -5.444  10.307  1.00 5.90  ? 30 ARG A C    1 
ATOM 202 O O    . ARG A 1 25 ? -8.759  -6.378  9.644   1.00 6.02  ? 30 ARG A O    1 
ATOM 203 C CB   . ARG A 1 25 ? -9.193  -4.367  12.353  1.00 8.54  ? 30 ARG A CB   1 
ATOM 204 C CG   . ARG A 1 25 ? -10.671 -4.716  12.086  1.00 11.73 ? 30 ARG A CG   1 
ATOM 205 C CD   . ARG A 1 25 ? -11.272 -5.548  13.163  1.00 15.17 ? 30 ARG A CD   1 
ATOM 206 N NE   . ARG A 1 25 ? -10.670 -6.660  13.750  1.00 13.63 ? 30 ARG A NE   1 
ATOM 207 C CZ   . ARG A 1 25 ? -10.127 -7.738  14.208  1.00 18.15 ? 30 ARG A CZ   1 
ATOM 208 N NH1  . ARG A 1 25 ? -9.989  -8.872  13.509  1.00 20.82 ? 30 ARG A NH1  1 
ATOM 209 N NH2  . ARG A 1 25 ? -9.737  -7.765  15.495  1.00 18.24 ? 30 ARG A NH2  1 
ATOM 210 H H    . ARG A 1 25 ? -6.598  -4.531  12.731  1.00 0.00  ? 30 ARG A H    1 
ATOM 211 H HE   . ARG A 1 25 ? -10.547 -6.240  14.499  1.00 0.00  ? 30 ARG A HE   1 
ATOM 212 H HH11 . ARG A 1 25 ? -10.318 -8.921  12.566  1.00 0.00  ? 30 ARG A HH11 1 
ATOM 213 H HH12 . ARG A 1 25 ? -9.557  -9.670  13.930  1.00 0.00  ? 30 ARG A HH12 1 
ATOM 214 H HH21 . ARG A 1 25 ? -9.869  -6.961  16.075  1.00 0.00  ? 30 ARG A HH21 1 
ATOM 215 H HH22 . ARG A 1 25 ? -9.313  -8.588  15.872  1.00 0.00  ? 30 ARG A HH22 1 
ATOM 216 N N    . TYR A 1 26 ? -7.633  -4.424  9.816   1.00 6.29  ? 31 TYR A N    1 
ATOM 217 C CA   . TYR A 1 26 ? -7.450  -4.313  8.348   1.00 5.48  ? 31 TYR A CA   1 
ATOM 218 C C    . TYR A 1 26 ? -6.268  -3.339  8.088   1.00 5.53  ? 31 TYR A C    1 
ATOM 219 O O    . TYR A 1 26 ? -5.826  -2.636  8.961   1.00 7.41  ? 31 TYR A O    1 
ATOM 220 C CB   . TYR A 1 26 ? -8.698  -3.654  7.747   1.00 4.34  ? 31 TYR A CB   1 
ATOM 221 C CG   . TYR A 1 26 ? -9.103  -2.282  8.161   1.00 4.63  ? 31 TYR A CG   1 
ATOM 222 C CD1  . TYR A 1 26 ? -8.659  -1.148  7.483   1.00 3.28  ? 31 TYR A CD1  1 
ATOM 223 C CD2  . TYR A 1 26 ? -10.025 -2.034  9.216   1.00 4.84  ? 31 TYR A CD2  1 
ATOM 224 C CE1  . TYR A 1 26 ? -9.026  0.154   7.766   1.00 6.50  ? 31 TYR A CE1  1 
ATOM 225 C CE2  . TYR A 1 26 ? -10.386 -0.759  9.577   1.00 4.74  ? 31 TYR A CE2  1 
ATOM 226 C CZ   . TYR A 1 26 ? -9.913  0.357   8.857   1.00 4.33  ? 31 TYR A CZ   1 
ATOM 227 O OH   . TYR A 1 26 ? -10.260 1.632   9.141   1.00 4.11  ? 31 TYR A OH   1 
ATOM 228 H H    . TYR A 1 26 ? -7.276  -3.732  10.411  1.00 0.00  ? 31 TYR A H    1 
ATOM 229 H HH   . TYR A 1 26 ? -9.827  2.227   8.525   1.00 0.00  ? 31 TYR A HH   1 
ATOM 230 N N    . TYR A 1 27 ? -5.880  -3.396  6.823   1.00 3.41  ? 32 TYR A N    1 
ATOM 231 C CA   . TYR A 1 27 ? -4.846  -2.444  6.367   1.00 2.57  ? 32 TYR A CA   1 
ATOM 232 C C    . TYR A 1 27 ? -5.493  -1.513  5.391   1.00 2.00  ? 32 TYR A C    1 
ATOM 233 O O    . TYR A 1 27 ? -6.390  -1.931  4.595   1.00 2.07  ? 32 TYR A O    1 
ATOM 234 C CB   . TYR A 1 27 ? -3.767  -3.302  5.658   1.00 2.58  ? 32 TYR A CB   1 
ATOM 235 C CG   . TYR A 1 27 ? -3.015  -4.274  6.483   1.00 2.00  ? 32 TYR A CG   1 
ATOM 236 C CD1  . TYR A 1 27 ? -1.898  -3.812  7.198   1.00 2.44  ? 32 TYR A CD1  1 
ATOM 237 C CD2  . TYR A 1 27 ? -3.320  -5.637  6.489   1.00 2.00  ? 32 TYR A CD2  1 
ATOM 238 C CE1  . TYR A 1 27 ? -1.102  -4.753  7.922   1.00 3.35  ? 32 TYR A CE1  1 
ATOM 239 C CE2  . TYR A 1 27 ? -2.606  -6.560  7.234   1.00 2.00  ? 32 TYR A CE2  1 
ATOM 240 C CZ   . TYR A 1 27 ? -1.486  -6.086  7.912   1.00 2.00  ? 32 TYR A CZ   1 
ATOM 241 O OH   . TYR A 1 27 ? -0.671  -6.921  8.611   1.00 5.19  ? 32 TYR A OH   1 
ATOM 242 H H    . TYR A 1 27 ? -6.269  -4.052  6.207   1.00 0.00  ? 32 TYR A H    1 
ATOM 243 H HH   . TYR A 1 27 ? -0.999  -7.820  8.543   1.00 0.00  ? 32 TYR A HH   1 
ATOM 244 N N    . ARG A 1 28 ? -5.012  -0.286  5.396   1.00 2.00  ? 33 ARG A N    1 
ATOM 245 C CA   . ARG A 1 28 ? -5.395  0.732   4.419   1.00 4.45  ? 33 ARG A CA   1 
ATOM 246 C C    . ARG A 1 28 ? -4.189  0.808   3.400   1.00 3.48  ? 33 ARG A C    1 
ATOM 247 O O    . ARG A 1 28 ? -3.082  0.985   3.915   1.00 4.37  ? 33 ARG A O    1 
ATOM 248 C CB   . ARG A 1 28 ? -5.553  2.135   4.984   1.00 6.94  ? 33 ARG A CB   1 
ATOM 249 C CG   . ARG A 1 28 ? -6.665  2.154   6.081   1.00 6.53  ? 33 ARG A CG   1 
ATOM 250 C CD   . ARG A 1 28 ? -6.537  3.458   6.804   1.00 6.95  ? 33 ARG A CD   1 
ATOM 251 N NE   . ARG A 1 28 ? -6.887  4.610   6.007   1.00 6.04  ? 33 ARG A NE   1 
ATOM 252 C CZ   . ARG A 1 28 ? -6.894  5.894   6.273   1.00 7.42  ? 33 ARG A CZ   1 
ATOM 253 N NH1  . ARG A 1 28 ? -6.420  6.278   7.512   1.00 9.73  ? 33 ARG A NH1  1 
ATOM 254 N NH2  . ARG A 1 28 ? -7.284  6.751   5.391   1.00 7.24  ? 33 ARG A NH2  1 
ATOM 255 H H    . ARG A 1 28 ? -4.366  -0.043  6.090   1.00 0.00  ? 33 ARG A H    1 
ATOM 256 H HE   . ARG A 1 28 ? -7.172  4.393   5.101   1.00 0.00  ? 33 ARG A HE   1 
ATOM 257 H HH11 . ARG A 1 28 ? -6.092  5.588   8.158   1.00 0.00  ? 33 ARG A HH11 1 
ATOM 258 H HH12 . ARG A 1 28 ? -6.404  7.246   7.763   1.00 0.00  ? 33 ARG A HH12 1 
ATOM 259 H HH21 . ARG A 1 28 ? -7.586  6.438   4.491   1.00 0.00  ? 33 ARG A HH21 1 
ATOM 260 H HH22 . ARG A 1 28 ? -7.284  7.727   5.608   1.00 0.00  ? 33 ARG A HH22 1 
ATOM 261 N N    . ILE A 1 29 ? -4.519  0.617   2.141   1.00 4.15  ? 34 ILE A N    1 
ATOM 262 C CA   . ILE A 1 29 ? -3.411  0.771   1.135   1.00 5.25  ? 34 ILE A CA   1 
ATOM 263 C C    . ILE A 1 29 ? -3.688  2.121   0.488   1.00 3.28  ? 34 ILE A C    1 
ATOM 264 O O    . ILE A 1 29 ? -4.842  2.273   -0.044  1.00 5.38  ? 34 ILE A O    1 
ATOM 265 C CB   . ILE A 1 29 ? -3.375  -0.438  0.123   1.00 8.58  ? 34 ILE A CB   1 
ATOM 266 C CG1  . ILE A 1 29 ? -2.919  -1.684  0.927   1.00 10.18 ? 34 ILE A CG1  1 
ATOM 267 C CG2  . ILE A 1 29 ? -2.394  -0.020  -1.041  1.00 9.94  ? 34 ILE A CG2  1 
ATOM 268 C CD1  . ILE A 1 29 ? -2.791  -2.997  0.110   1.00 18.32 ? 34 ILE A CD1  1 
ATOM 269 H H    . ILE A 1 29 ? -5.433  0.387   1.874   1.00 0.00  ? 34 ILE A H    1 
ATOM 270 N N    . THR A 1 30 ? -2.764  3.077   0.408   1.00 2.54  ? 35 THR A N    1 
ATOM 271 C CA   . THR A 1 30 ? -3.065  4.332   -0.315  1.00 3.73  ? 35 THR A CA   1 
ATOM 272 C C    . THR A 1 30 ? -2.020  4.474   -1.488  1.00 4.18  ? 35 THR A C    1 
ATOM 273 O O    . THR A 1 30 ? -0.939  3.974   -1.207  1.00 6.09  ? 35 THR A O    1 
ATOM 274 C CB   . THR A 1 30 ? -3.062  5.634   0.543   1.00 6.44  ? 35 THR A CB   1 
ATOM 275 O OG1  . THR A 1 30 ? -1.700  5.811   1.066   1.00 7.09  ? 35 THR A OG1  1 
ATOM 276 C CG2  . THR A 1 30 ? -4.106  5.575   1.692   1.00 6.68  ? 35 THR A CG2  1 
ATOM 277 H H    . THR A 1 30 ? -1.887  2.949   0.827   1.00 0.00  ? 35 THR A H    1 
ATOM 278 H HG1  . THR A 1 30 ? -1.083  5.889   0.334   1.00 0.00  ? 35 THR A HG1  1 
ATOM 279 N N    . TYR A 1 31 ? -2.479  5.055   -2.564  1.00 5.47  ? 36 TYR A N    1 
ATOM 280 C CA   . TYR A 1 31 ? -1.450  5.197   -3.673  1.00 5.00  ? 36 TYR A CA   1 
ATOM 281 C C    . TYR A 1 31 ? -1.831  6.385   -4.520  1.00 5.75  ? 36 TYR A C    1 
ATOM 282 O O    . TYR A 1 31 ? -3.034  6.769   -4.715  1.00 5.38  ? 36 TYR A O    1 
ATOM 283 C CB   . TYR A 1 31 ? -1.291  3.848   -4.397  1.00 2.94  ? 36 TYR A CB   1 
ATOM 284 C CG   . TYR A 1 31 ? -2.514  3.425   -5.145  1.00 5.12  ? 36 TYR A CG   1 
ATOM 285 C CD1  . TYR A 1 31 ? -3.503  2.680   -4.500  1.00 7.62  ? 36 TYR A CD1  1 
ATOM 286 C CD2  . TYR A 1 31 ? -2.748  3.759   -6.501  1.00 6.52  ? 36 TYR A CD2  1 
ATOM 287 C CE1  . TYR A 1 31 ? -4.673  2.264   -5.147  1.00 9.70  ? 36 TYR A CE1  1 
ATOM 288 C CE2  . TYR A 1 31 ? -3.876  3.355   -7.156  1.00 8.41  ? 36 TYR A CE2  1 
ATOM 289 C CZ   . TYR A 1 31 ? -4.840  2.583   -6.459  1.00 9.39  ? 36 TYR A CZ   1 
ATOM 290 O OH   . TYR A 1 31 ? -5.984  2.263   -7.142  1.00 14.30 ? 36 TYR A OH   1 
ATOM 291 H H    . TYR A 1 31 ? -3.402  5.369   -2.649  1.00 0.00  ? 36 TYR A H    1 
ATOM 292 H HH   . TYR A 1 31 ? -5.943  2.633   -8.027  1.00 0.00  ? 36 TYR A HH   1 
ATOM 293 N N    . GLY A 1 32 ? -0.748  7.008   -5.039  1.00 2.00  ? 37 GLY A N    1 
ATOM 294 C CA   . GLY A 1 32 ? -1.018  8.184   -5.893  1.00 2.40  ? 37 GLY A CA   1 
ATOM 295 C C    . GLY A 1 32 ? 0.207   8.415   -6.838  1.00 2.00  ? 37 GLY A C    1 
ATOM 296 O O    . GLY A 1 32 ? 1.225   7.882   -6.463  1.00 6.73  ? 37 GLY A O    1 
ATOM 297 H H    . GLY A 1 32 ? 0.163   6.697   -4.860  1.00 0.00  ? 37 GLY A H    1 
ATOM 298 N N    . GLU A 1 33 ? -0.165  9.158   -7.837  1.00 2.00  ? 38 GLU A N    1 
ATOM 299 C CA   . GLU A 1 33 ? 0.987   9.456   -8.806  1.00 3.62  ? 38 GLU A CA   1 
ATOM 300 C C    . GLU A 1 33 ? 1.892   10.439  -8.097  1.00 4.19  ? 38 GLU A C    1 
ATOM 301 O O    . GLU A 1 33 ? 1.427   11.539  -7.658  1.00 9.62  ? 38 GLU A O    1 
ATOM 302 C CB   . GLU A 1 33 ? 0.349   10.056  -10.035 1.00 10.35 ? 38 GLU A CB   1 
ATOM 303 C CG   . GLU A 1 33 ? -0.469  9.131   -10.928 1.00 18.72 ? 38 GLU A CG   1 
ATOM 304 C CD   . GLU A 1 33 ? -0.964  9.807   -12.197 1.00 23.74 ? 38 GLU A CD   1 
ATOM 305 O OE1  . GLU A 1 33 ? -0.172  10.672  -12.601 1.00 24.16 ? 38 GLU A OE1  1 
ATOM 306 O OE2  . GLU A 1 33 ? -2.026  9.540   -12.727 1.00 28.08 ? 38 GLU A OE2  1 
ATOM 307 H H    . GLU A 1 33 ? -1.077  9.490   -7.957  1.00 0.00  ? 38 GLU A H    1 
ATOM 308 N N    . THR A 1 34 ? 3.156   10.082  -7.966  1.00 7.44  ? 39 THR A N    1 
ATOM 309 C CA   . THR A 1 34 ? 4.133   10.982  -7.294  1.00 9.12  ? 39 THR A CA   1 
ATOM 310 C C    . THR A 1 34 ? 4.256   12.323  -8.014  1.00 9.62  ? 39 THR A C    1 
ATOM 311 O O    . THR A 1 34 ? 4.571   12.311  -9.205  1.00 8.19  ? 39 THR A O    1 
ATOM 312 C CB   . THR A 1 34 ? 5.540   10.320  -7.172  1.00 4.64  ? 39 THR A CB   1 
ATOM 313 O OG1  . THR A 1 34 ? 5.385   8.981   -6.594  1.00 4.18  ? 39 THR A OG1  1 
ATOM 314 C CG2  . THR A 1 34 ? 6.586   11.158  -6.418  1.00 4.45  ? 39 THR A CG2  1 
ATOM 315 H H    . THR A 1 34 ? 3.454   9.215   -8.314  1.00 0.00  ? 39 THR A H    1 
ATOM 316 H HG1  . THR A 1 34 ? 4.982   9.052   -5.725  1.00 0.00  ? 39 THR A HG1  1 
ATOM 317 N N    . GLY A 1 35 ? 4.081   13.419  -7.309  1.00 11.30 ? 40 GLY A N    1 
ATOM 318 C CA   . GLY A 1 35 ? 4.190   14.759  -7.892  1.00 12.53 ? 40 GLY A CA   1 
ATOM 319 C C    . GLY A 1 35 ? 2.950   15.162  -8.685  1.00 13.98 ? 40 GLY A C    1 
ATOM 320 O O    . GLY A 1 35 ? 2.978   16.236  -9.332  1.00 15.96 ? 40 GLY A O    1 
ATOM 321 H H    . GLY A 1 35 ? 3.870   13.337  -6.356  1.00 0.00  ? 40 GLY A H    1 
ATOM 322 N N    . GLY A 1 36 ? 1.898   14.356  -8.532  1.00 10.22 ? 41 GLY A N    1 
ATOM 323 C CA   . GLY A 1 36 ? 0.611   14.602  -9.217  1.00 8.93  ? 41 GLY A CA   1 
ATOM 324 C C    . GLY A 1 36 ? -0.255  15.458  -8.278  1.00 8.22  ? 41 GLY A C    1 
ATOM 325 O O    . GLY A 1 36 ? 0.299   15.681  -7.176  1.00 9.28  ? 41 GLY A O    1 
ATOM 326 H H    . GLY A 1 36 ? 1.982   13.575  -7.947  1.00 0.00  ? 41 GLY A H    1 
ATOM 327 N N    . ASN A 1 37 ? -1.409  15.874  -8.786  1.00 8.40  ? 42 ASN A N    1 
ATOM 328 C CA   . ASN A 1 37 ? -2.251  16.736  -7.885  1.00 11.47 ? 42 ASN A CA   1 
ATOM 329 C C    . ASN A 1 37 ? -3.650  16.152  -7.676  1.00 13.18 ? 42 ASN A C    1 
ATOM 330 O O    . ASN A 1 37 ? -4.541  16.872  -7.189  1.00 16.24 ? 42 ASN A O    1 
ATOM 331 C CB   . ASN A 1 37 ? -2.229  18.215  -8.317  1.00 10.24 ? 42 ASN A CB   1 
ATOM 332 C CG   . ASN A 1 37 ? -2.807  18.427  -9.700  1.00 11.29 ? 42 ASN A CG   1 
ATOM 333 O OD1  . ASN A 1 37 ? -2.855  19.538  -10.249 1.00 13.64 ? 42 ASN A OD1  1 
ATOM 334 N ND2  . ASN A 1 37 ? -3.216  17.377  -10.387 1.00 11.59 ? 42 ASN A ND2  1 
ATOM 335 H H    . ASN A 1 37 ? -1.694  15.635  -9.692  1.00 0.00  ? 42 ASN A H    1 
ATOM 336 H HD21 . ASN A 1 37 ? -3.586  17.538  -11.280 1.00 0.00  ? 42 ASN A HD21 1 
ATOM 337 H HD22 . ASN A 1 37 ? -3.143  16.480  -10.001 1.00 0.00  ? 42 ASN A HD22 1 
ATOM 338 N N    . SER A 1 38 ? -3.807  14.907  -8.050  1.00 13.52 ? 43 SER A N    1 
ATOM 339 C CA   . SER A 1 38 ? -5.081  14.176  -7.860  1.00 16.35 ? 43 SER A CA   1 
ATOM 340 C C    . SER A 1 38 ? -5.117  13.577  -6.457  1.00 14.37 ? 43 SER A C    1 
ATOM 341 O O    . SER A 1 38 ? -4.047  13.323  -5.903  1.00 22.31 ? 43 SER A O    1 
ATOM 342 C CB   . SER A 1 38 ? -5.055  13.023  -8.870  1.00 27.99 ? 43 SER A CB   1 
ATOM 343 O OG   . SER A 1 38 ? -5.334  13.545  -10.134 1.00 33.48 ? 43 SER A OG   1 
ATOM 344 H H    . SER A 1 38 ? -3.055  14.442  -8.471  1.00 0.00  ? 43 SER A H    1 
ATOM 345 H HG   . SER A 1 38 ? -4.671  14.200  -10.363 1.00 0.00  ? 43 SER A HG   1 
ATOM 346 N N    . PRO A 1 39 ? -6.336  13.368  -5.925  1.00 18.23 ? 44 PRO A N    1 
ATOM 347 C CA   . PRO A 1 39 ? -6.482  12.800  -4.589  1.00 16.48 ? 44 PRO A CA   1 
ATOM 348 C C    . PRO A 1 39 ? -5.880  11.408  -4.647  1.00 11.88 ? 44 PRO A C    1 
ATOM 349 O O    . PRO A 1 39 ? -5.875  10.766  -5.706  1.00 16.74 ? 44 PRO A O    1 
ATOM 350 C CB   . PRO A 1 39 ? -8.002  12.772  -4.311  1.00 22.76 ? 44 PRO A CB   1 
ATOM 351 C CG   . PRO A 1 39 ? -8.670  13.285  -5.560  1.00 24.41 ? 44 PRO A CG   1 
ATOM 352 C CD   . PRO A 1 39 ? -7.614  13.704  -6.570  1.00 22.78 ? 44 PRO A CD   1 
ATOM 353 N N    . VAL A 1 40 ? -5.381  10.947  -3.537  1.00 9.97  ? 45 VAL A N    1 
ATOM 354 C CA   . VAL A 1 40 ? -4.807  9.602   -3.416  1.00 8.19  ? 45 VAL A CA   1 
ATOM 355 C C    . VAL A 1 40 ? -5.989  8.630   -3.517  1.00 7.34  ? 45 VAL A C    1 
ATOM 356 O O    . VAL A 1 40 ? -7.146  8.982   -3.150  1.00 7.26  ? 45 VAL A O    1 
ATOM 357 C CB   . VAL A 1 40 ? -4.075  9.525   -2.064  1.00 12.03 ? 45 VAL A CB   1 
ATOM 358 C CG1  . VAL A 1 40 ? -3.575  8.169   -1.664  1.00 13.93 ? 45 VAL A CG1  1 
ATOM 359 C CG2  . VAL A 1 40 ? -2.886  10.516  -2.063  1.00 14.92 ? 45 VAL A CG2  1 
ATOM 360 H H    . VAL A 1 40 ? -5.390  11.523  -2.745  1.00 0.00  ? 45 VAL A H    1 
ATOM 361 N N    . GLN A 1 41 ? -5.678  7.434   -3.960  1.00 5.23  ? 46 GLN A N    1 
ATOM 362 C CA   . GLN A 1 41 ? -6.645  6.337   -4.058  1.00 6.04  ? 46 GLN A CA   1 
ATOM 363 C C    . GLN A 1 41 ? -6.453  5.468   -2.791  1.00 2.79  ? 46 GLN A C    1 
ATOM 364 O O    . GLN A 1 41 ? -5.341  5.407   -2.278  1.00 6.85  ? 46 GLN A O    1 
ATOM 365 C CB   . GLN A 1 41 ? -6.457  5.463   -5.297  1.00 12.14 ? 46 GLN A CB   1 
ATOM 366 C CG   . GLN A 1 41 ? -6.641  6.336   -6.537  1.00 21.49 ? 46 GLN A CG   1 
ATOM 367 C CD   . GLN A 1 41 ? -8.091  6.713   -6.687  1.00 25.24 ? 46 GLN A CD   1 
ATOM 368 O OE1  . GLN A 1 41 ? -8.942  5.812   -6.707  1.00 30.37 ? 46 GLN A OE1  1 
ATOM 369 N NE2  . GLN A 1 41 ? -8.369  8.008   -6.770  1.00 29.64 ? 46 GLN A NE2  1 
ATOM 370 H H    . GLN A 1 41 ? -4.754  7.267   -4.239  1.00 0.00  ? 46 GLN A H    1 
ATOM 371 H HE21 . GLN A 1 41 ? -9.310  8.262   -6.868  1.00 0.00  ? 46 GLN A HE21 1 
ATOM 372 H HE22 . GLN A 1 41 ? -7.646  8.668   -6.731  1.00 0.00  ? 46 GLN A HE22 1 
ATOM 373 N N    . GLU A 1 42 ? -7.559  4.767   -2.425  1.00 2.00  ? 47 GLU A N    1 
ATOM 374 C CA   . GLU A 1 42 ? -7.390  3.954   -1.195  1.00 2.14  ? 47 GLU A CA   1 
ATOM 375 C C    . GLU A 1 42 ? -8.240  2.694   -1.227  1.00 2.00  ? 47 GLU A C    1 
ATOM 376 O O    . GLU A 1 42 ? -9.328  2.876   -1.838  1.00 3.70  ? 47 GLU A O    1 
ATOM 377 C CB   . GLU A 1 42 ? -7.698  4.798   0.063   1.00 4.43  ? 47 GLU A CB   1 
ATOM 378 C CG   . GLU A 1 42 ? -7.741  3.989   1.350   1.00 6.76  ? 47 GLU A CG   1 
ATOM 379 C CD   . GLU A 1 42 ? -8.090  4.652   2.664   1.00 7.18  ? 47 GLU A CD   1 
ATOM 380 O OE1  . GLU A 1 42 ? -7.957  5.877   2.689   1.00 7.62  ? 47 GLU A OE1  1 
ATOM 381 O OE2  . GLU A 1 42 ? -8.388  3.924   3.608   1.00 8.06  ? 47 GLU A OE2  1 
ATOM 382 H H    . GLU A 1 42 ? -8.397  4.796   -2.931  1.00 0.00  ? 47 GLU A H    1 
ATOM 383 N N    . PHE A 1 43 ? -7.752  1.602   -0.744  1.00 2.00  ? 48 PHE A N    1 
ATOM 384 C CA   . PHE A 1 43 ? -8.587  0.387   -0.692  1.00 2.00  ? 48 PHE A CA   1 
ATOM 385 C C    . PHE A 1 43 ? -8.207  -0.339  0.614   1.00 2.00  ? 48 PHE A C    1 
ATOM 386 O O    . PHE A 1 43 ? -7.175  0.047   1.181   1.00 6.36  ? 48 PHE A O    1 
ATOM 387 C CB   . PHE A 1 43 ? -8.606  -0.507  -1.943  1.00 4.11  ? 48 PHE A CB   1 
ATOM 388 C CG   . PHE A 1 43 ? -7.285  -1.162  -2.263  1.00 4.29  ? 48 PHE A CG   1 
ATOM 389 C CD1  . PHE A 1 43 ? -6.763  -2.277  -1.646  1.00 5.38  ? 48 PHE A CD1  1 
ATOM 390 C CD2  . PHE A 1 43 ? -6.533  -0.522  -3.279  1.00 7.96  ? 48 PHE A CD2  1 
ATOM 391 C CE1  . PHE A 1 43 ? -5.525  -2.784  -1.919  1.00 5.10  ? 48 PHE A CE1  1 
ATOM 392 C CE2  . PHE A 1 43 ? -5.297  -1.080  -3.655  1.00 6.36  ? 48 PHE A CE2  1 
ATOM 393 C CZ   . PHE A 1 43 ? -4.779  -2.211  -2.999  1.00 5.89  ? 48 PHE A CZ   1 
ATOM 394 H H    . PHE A 1 43 ? -6.830  1.580   -0.414  1.00 0.00  ? 48 PHE A H    1 
ATOM 395 N N    . THR A 1 44 ? -9.039  -1.258  1.069   1.00 2.00  ? 49 THR A N    1 
ATOM 396 C CA   . THR A 1 44 ? -8.714  -2.005  2.305   1.00 2.00  ? 49 THR A CA   1 
ATOM 397 C C    . THR A 1 44 ? -8.314  -3.413  1.990   1.00 2.00  ? 49 THR A C    1 
ATOM 398 O O    . THR A 1 44 ? -8.903  -4.068  1.059   1.00 3.73  ? 49 THR A O    1 
ATOM 399 C CB   . THR A 1 44 ? -10.127 -2.157  3.090   1.00 3.95  ? 49 THR A CB   1 
ATOM 400 O OG1  . THR A 1 44 ? -10.580 -0.828  3.265   1.00 6.06  ? 49 THR A OG1  1 
ATOM 401 C CG2  . THR A 1 44 ? -9.859  -3.053  4.330   1.00 2.85  ? 49 THR A CG2  1 
ATOM 402 H H    . THR A 1 44 ? -9.872  -1.446  0.588   1.00 0.00  ? 49 THR A H    1 
ATOM 403 H HG1  . THR A 1 44 ? -11.420 -0.835  3.728   1.00 0.00  ? 49 THR A HG1  1 
ATOM 404 N N    . VAL A 1 45 ? -7.421  -4.004  2.721   1.00 2.00  ? 50 VAL A N    1 
ATOM 405 C CA   . VAL A 1 45 ? -7.024  -5.398  2.712   1.00 3.31  ? 50 VAL A CA   1 
ATOM 406 C C    . VAL A 1 45 ? -7.313  -5.978  4.129   1.00 2.23  ? 50 VAL A C    1 
ATOM 407 O O    . VAL A 1 45 ? -6.921  -5.369  5.116   1.00 5.13  ? 50 VAL A O    1 
ATOM 408 C CB   . VAL A 1 45 ? -5.530  -5.452  2.346   1.00 5.72  ? 50 VAL A CB   1 
ATOM 409 C CG1  . VAL A 1 45 ? -4.976  -6.854  2.454   1.00 5.93  ? 50 VAL A CG1  1 
ATOM 410 C CG2  . VAL A 1 45 ? -5.354  -4.921  0.904   1.00 7.27  ? 50 VAL A CG2  1 
ATOM 411 H H    . VAL A 1 45 ? -6.954  -3.436  3.363   1.00 0.00  ? 50 VAL A H    1 
ATOM 412 N N    . PRO A 1 46 ? -7.924  -7.138  4.148   1.00 8.48  ? 51 PRO A N    1 
ATOM 413 C CA   . PRO A 1 46 ? -8.226  -7.845  5.414   1.00 9.02  ? 51 PRO A CA   1 
ATOM 414 C C    . PRO A 1 46 ? -6.974  -8.009  6.251   1.00 9.35  ? 51 PRO A C    1 
ATOM 415 O O    . PRO A 1 46 ? -5.875  -8.285  5.690   1.00 8.91  ? 51 PRO A O    1 
ATOM 416 C CB   . PRO A 1 46 ? -8.724  -9.230  4.996   1.00 9.41  ? 51 PRO A CB   1 
ATOM 417 C CG   . PRO A 1 46 ? -9.293  -8.978  3.654   1.00 8.91  ? 51 PRO A CG   1 
ATOM 418 C CD   . PRO A 1 46 ? -8.396  -7.921  3.012   1.00 8.58  ? 51 PRO A CD   1 
ATOM 419 N N    . GLY A 1 47 ? -7.079  -7.936  7.586   1.00 4.94  ? 52 GLY A N    1 
ATOM 420 C CA   . GLY A 1 47 ? -5.928  -8.086  8.475   1.00 2.88  ? 52 GLY A CA   1 
ATOM 421 C C    . GLY A 1 47 ? -5.200  -9.439  8.424   1.00 4.00  ? 52 GLY A C    1 
ATOM 422 O O    . GLY A 1 47 ? -4.132  -9.480  8.991   1.00 9.77  ? 52 GLY A O    1 
ATOM 423 H H    . GLY A 1 47 ? -7.961  -7.777  7.980   1.00 0.00  ? 52 GLY A H    1 
ATOM 424 N N    . SER A 1 48 ? -5.774  -10.437 7.800   1.00 5.26  ? 53 SER A N    1 
ATOM 425 C CA   . SER A 1 48 ? -5.142  -11.750 7.752   1.00 8.20  ? 53 SER A CA   1 
ATOM 426 C C    . SER A 1 48 ? -4.144  -11.835 6.571   1.00 8.75  ? 53 SER A C    1 
ATOM 427 O O    . SER A 1 48 ? -3.416  -12.809 6.616   1.00 14.27 ? 53 SER A O    1 
ATOM 428 C CB   . SER A 1 48 ? -6.176  -12.872 7.552   1.00 10.88 ? 53 SER A CB   1 
ATOM 429 O OG   . SER A 1 48 ? -7.103  -12.617 6.554   1.00 15.71 ? 53 SER A OG   1 
ATOM 430 H H    . SER A 1 48 ? -6.638  -10.298 7.361   1.00 0.00  ? 53 SER A H    1 
ATOM 431 H HG   . SER A 1 48 ? -7.592  -11.818 6.766   1.00 0.00  ? 53 SER A HG   1 
ATOM 432 N N    . LYS A 1 49 ? -4.224  -10.894 5.668   1.00 9.64  ? 54 LYS A N    1 
ATOM 433 C CA   . LYS A 1 49 ? -3.349  -10.959 4.486   1.00 11.77 ? 54 LYS A CA   1 
ATOM 434 C C    . LYS A 1 49 ? -2.206  -9.966  4.596   1.00 11.46 ? 54 LYS A C    1 
ATOM 435 O O    . LYS A 1 49 ? -2.197  -9.008  5.397   1.00 14.21 ? 54 LYS A O    1 
ATOM 436 C CB   . LYS A 1 49 ? -4.205  -10.597 3.267   1.00 16.48 ? 54 LYS A CB   1 
ATOM 437 C CG   . LYS A 1 49 ? -5.411  -11.459 3.008   1.00 21.71 ? 54 LYS A CG   1 
ATOM 438 C CD   . LYS A 1 49 ? -5.207  -12.802 2.358   1.00 28.29 ? 54 LYS A CD   1 
ATOM 439 C CE   . LYS A 1 49 ? -6.524  -13.204 1.691   1.00 32.16 ? 54 LYS A CE   1 
ATOM 440 N NZ   . LYS A 1 49 ? -6.395  -14.530 1.039   1.00 33.92 ? 54 LYS A NZ   1 
ATOM 441 H H    . LYS A 1 49 ? -4.858  -10.154 5.776   1.00 0.00  ? 54 LYS A H    1 
ATOM 442 H HZ1  . LYS A 1 49 ? -5.649  -14.489 0.315   1.00 0.00  ? 54 LYS A HZ1  1 
ATOM 443 H HZ2  . LYS A 1 49 ? -6.146  -15.245 1.752   1.00 0.00  ? 54 LYS A HZ2  1 
ATOM 444 H HZ3  . LYS A 1 49 ? -7.298  -14.786 0.592   1.00 0.00  ? 54 LYS A HZ3  1 
ATOM 445 N N    . SER A 1 50 ? -1.207  -10.226 3.727   1.00 5.98  ? 55 SER A N    1 
ATOM 446 C CA   . SER A 1 50 ? -0.041  -9.347  3.705   1.00 5.91  ? 55 SER A CA   1 
ATOM 447 C C    . SER A 1 50 ? 0.428   -9.098  2.228   1.00 5.49  ? 55 SER A C    1 
ATOM 448 O O    . SER A 1 50 ? 1.578   -8.674  2.120   1.00 9.57  ? 55 SER A O    1 
ATOM 449 C CB   . SER A 1 50 ? 1.088   -9.752  4.625   1.00 10.65 ? 55 SER A CB   1 
ATOM 450 O OG   . SER A 1 50 ? 1.549   -11.023 4.304   1.00 13.71 ? 55 SER A OG   1 
ATOM 451 H H    . SER A 1 50 ? -1.263  -10.993 3.119   1.00 0.00  ? 55 SER A H    1 
ATOM 452 H HG   . SER A 1 50 ? 1.869   -11.028 3.398   1.00 0.00  ? 55 SER A HG   1 
ATOM 453 N N    . THR A 1 51 ? -0.439  -9.343  1.319   1.00 7.40  ? 56 THR A N    1 
ATOM 454 C CA   . THR A 1 51 ? -0.167  -9.078  -0.126  1.00 7.29  ? 56 THR A CA   1 
ATOM 455 C C    . THR A 1 51 ? -1.432  -8.447  -0.695  1.00 7.92  ? 56 THR A C    1 
ATOM 456 O O    . THR A 1 51 ? -2.530  -8.712  -0.163  1.00 7.50  ? 56 THR A O    1 
ATOM 457 C CB   . THR A 1 51 ? 0.129   -10.400 -0.925  1.00 4.60  ? 56 THR A CB   1 
ATOM 458 O OG1  . THR A 1 51 ? -0.890  -11.438 -0.728  1.00 8.89  ? 56 THR A OG1  1 
ATOM 459 C CG2  . THR A 1 51 ? 1.558   -10.843 -0.639  1.00 3.20  ? 56 THR A CG2  1 
ATOM 460 H H    . THR A 1 51 ? -1.308  -9.715  1.578   1.00 0.00  ? 56 THR A H    1 
ATOM 461 H HG1  . THR A 1 51 ? -1.744  -11.108 -1.020  1.00 0.00  ? 56 THR A HG1  1 
ATOM 462 N N    . ALA A 1 52 ? -1.317  -7.715  -1.813  1.00 2.00  ? 57 ALA A N    1 
ATOM 463 C CA   . ALA A 1 52 ? -2.467  -7.130  -2.485  1.00 2.00  ? 57 ALA A CA   1 
ATOM 464 C C    . ALA A 1 52 ? -2.062  -6.737  -3.936  1.00 2.00  ? 57 ALA A C    1 
ATOM 465 O O    . ALA A 1 52 ? -0.900  -6.327  -4.092  1.00 3.31  ? 57 ALA A O    1 
ATOM 466 C CB   . ALA A 1 52 ? -2.899  -5.854  -1.791  1.00 3.94  ? 57 ALA A CB   1 
ATOM 467 H H    . ALA A 1 52 ? -0.425  -7.568  -2.191  1.00 0.00  ? 57 ALA A H    1 
ATOM 468 N N    . THR A 1 53 ? -3.024  -6.829  -4.786  1.00 4.89  ? 58 THR A N    1 
ATOM 469 C CA   . THR A 1 53 ? -2.844  -6.402  -6.169  1.00 5.71  ? 58 THR A CA   1 
ATOM 470 C C    . THR A 1 53 ? -3.338  -4.981  -6.303  1.00 5.54  ? 58 THR A C    1 
ATOM 471 O O    . THR A 1 53 ? -4.459  -4.661  -5.873  1.00 5.61  ? 58 THR A O    1 
ATOM 472 C CB   . THR A 1 53 ? -3.640  -7.283  -7.215  1.00 4.31  ? 58 THR A CB   1 
ATOM 473 O OG1  . THR A 1 53 ? -3.080  -8.580  -7.047  1.00 6.82  ? 58 THR A OG1  1 
ATOM 474 C CG2  . THR A 1 53 ? -3.597  -6.629  -8.599  1.00 8.58  ? 58 THR A CG2  1 
ATOM 475 H H    . THR A 1 53 ? -3.888  -7.191  -4.500  1.00 0.00  ? 58 THR A H    1 
ATOM 476 H HG1  . THR A 1 53 ? -2.139  -8.550  -7.234  1.00 0.00  ? 58 THR A HG1  1 
ATOM 477 N N    . ILE A 1 54 ? -2.583  -4.133  -7.003  1.00 2.00  ? 59 ILE A N    1 
ATOM 478 C CA   . ILE A 1 54 ? -2.985  -2.781  -7.360  1.00 2.14  ? 59 ILE A CA   1 
ATOM 479 C C    . ILE A 1 54 ? -3.197  -2.768  -8.910  1.00 3.89  ? 59 ILE A C    1 
ATOM 480 O O    . ILE A 1 54 ? -2.216  -3.175  -9.549  1.00 5.77  ? 59 ILE A O    1 
ATOM 481 C CB   . ILE A 1 54 ? -2.001  -1.672  -6.919  1.00 3.29  ? 59 ILE A CB   1 
ATOM 482 C CG1  . ILE A 1 54 ? -1.854  -1.728  -5.345  1.00 4.95  ? 59 ILE A CG1  1 
ATOM 483 C CG2  . ILE A 1 54 ? -2.465  -0.259  -7.350  1.00 3.20  ? 59 ILE A CG2  1 
ATOM 484 C CD1  . ILE A 1 54 ? -0.752  -0.763  -4.871  1.00 6.21  ? 59 ILE A CD1  1 
ATOM 485 H H    . ILE A 1 54 ? -1.700  -4.440  -7.296  1.00 0.00  ? 59 ILE A H    1 
ATOM 486 N N    . SER A 1 55 ? -4.364  -2.355  -9.384  1.00 4.62  ? 60 SER A N    1 
ATOM 487 C CA   . SER A 1 55 ? -4.549  -2.331  -10.860 1.00 3.74  ? 60 SER A CA   1 
ATOM 488 C C    . SER A 1 55 ? -4.926  -0.919  -11.248 1.00 3.74  ? 60 SER A C    1 
ATOM 489 O O    . SER A 1 55 ? -4.998  0.025   -10.423 1.00 4.75  ? 60 SER A O    1 
ATOM 490 C CB   . SER A 1 55 ? -5.519  -3.421  -11.276 1.00 5.16  ? 60 SER A CB   1 
ATOM 491 O OG   . SER A 1 55 ? -6.839  -3.058  -10.871 1.00 6.48  ? 60 SER A OG   1 
ATOM 492 H H    . SER A 1 55 ? -5.083  -2.073  -8.780  1.00 0.00  ? 60 SER A H    1 
ATOM 493 H HG   . SER A 1 55 ? -6.864  -2.953  -9.917  1.00 0.00  ? 60 SER A HG   1 
ATOM 494 N N    . GLY A 1 56 ? -5.149  -0.715  -12.547 1.00 2.74  ? 61 GLY A N    1 
ATOM 495 C CA   . GLY A 1 56 ? -5.552  0.520   -13.194 1.00 3.72  ? 61 GLY A CA   1 
ATOM 496 C C    . GLY A 1 56 ? -4.415  1.564   -13.229 1.00 4.29  ? 61 GLY A C    1 
ATOM 497 O O    . GLY A 1 56 ? -4.815  2.741   -13.227 1.00 8.35  ? 61 GLY A O    1 
ATOM 498 H H    . GLY A 1 56 ? -5.026  -1.489  -13.132 1.00 0.00  ? 61 GLY A H    1 
ATOM 499 N N    . LEU A 1 57 ? -3.187  1.095   -13.235 1.00 2.00  ? 62 LEU A N    1 
ATOM 500 C CA   . LEU A 1 57 ? -2.057  2.051   -13.266 1.00 2.00  ? 62 LEU A CA   1 
ATOM 501 C C    . LEU A 1 57 ? -1.691  2.419   -14.730 1.00 2.00  ? 62 LEU A C    1 
ATOM 502 O O    . LEU A 1 57 ? -2.190  1.802   -15.649 1.00 3.67  ? 62 LEU A O    1 
ATOM 503 C CB   . LEU A 1 57 ? -0.885  1.399   -12.562 1.00 2.23  ? 62 LEU A CB   1 
ATOM 504 C CG   . LEU A 1 57 ? -1.125  0.975   -11.078 1.00 3.51  ? 62 LEU A CG   1 
ATOM 505 C CD1  . LEU A 1 57 ? 0.131   0.306   -10.582 1.00 5.38  ? 62 LEU A CD1  1 
ATOM 506 C CD2  . LEU A 1 57 ? -1.486  2.175   -10.221 1.00 3.47  ? 62 LEU A CD2  1 
ATOM 507 H H    . LEU A 1 57 ? -3.022  0.129   -13.218 1.00 0.00  ? 62 LEU A H    1 
ATOM 508 N N    . LYS A 1 58 ? -0.905  3.466   -14.789 1.00 2.99  ? 63 LYS A N    1 
ATOM 509 C CA   . LYS A 1 58 ? -0.398  4.003   -16.078 1.00 5.32  ? 63 LYS A CA   1 
ATOM 510 C C    . LYS A 1 58 ? 1.057   3.523   -16.175 1.00 3.40  ? 63 LYS A C    1 
ATOM 511 O O    . LYS A 1 58 ? 1.839   3.592   -15.215 1.00 7.68  ? 63 LYS A O    1 
ATOM 512 C CB   . LYS A 1 58 ? -0.279  5.522   -16.047 1.00 6.40  ? 63 LYS A CB   1 
ATOM 513 C CG   . LYS A 1 58 ? -1.617  6.210   -16.348 1.00 12.97 ? 63 LYS A CG   1 
ATOM 514 C CD   . LYS A 1 58 ? -1.528  7.686   -15.950 1.00 17.15 ? 63 LYS A CD   1 
ATOM 515 C CE   . LYS A 1 58 ? -2.936  8.205   -15.681 1.00 20.32 ? 63 LYS A CE   1 
ATOM 516 N NZ   . LYS A 1 58 ? -2.860  9.650   -15.281 1.00 25.80 ? 63 LYS A NZ   1 
ATOM 517 H H    . LYS A 1 58 ? -0.642  3.910   -13.956 1.00 0.00  ? 63 LYS A H    1 
ATOM 518 H HZ1  . LYS A 1 58 ? -2.426  10.201  -16.049 1.00 0.00  ? 63 LYS A HZ1  1 
ATOM 519 H HZ2  . LYS A 1 58 ? -3.818  10.009  -15.097 1.00 0.00  ? 63 LYS A HZ2  1 
ATOM 520 H HZ3  . LYS A 1 58 ? -2.284  9.741   -14.420 1.00 0.00  ? 63 LYS A HZ3  1 
ATOM 521 N N    . PRO A 1 59 ? 1.453   3.157   -17.392 1.00 6.34  ? 64 PRO A N    1 
ATOM 522 C CA   . PRO A 1 59 ? 2.829   2.724   -17.658 1.00 5.80  ? 64 PRO A CA   1 
ATOM 523 C C    . PRO A 1 59 ? 3.775   3.883   -17.543 1.00 2.00  ? 64 PRO A C    1 
ATOM 524 O O    . PRO A 1 59 ? 3.511   5.066   -17.954 1.00 3.40  ? 64 PRO A O    1 
ATOM 525 C CB   . PRO A 1 59 ? 2.765   2.169   -19.132 1.00 5.08  ? 64 PRO A CB   1 
ATOM 526 C CG   . PRO A 1 59 ? 1.274   1.934   -19.299 1.00 8.81  ? 64 PRO A CG   1 
ATOM 527 C CD   . PRO A 1 59 ? 0.550   3.057   -18.585 1.00 6.88  ? 64 PRO A CD   1 
ATOM 528 N N    . GLY A 1 60 ? 4.952   3.642   -17.063 1.00 2.00  ? 65 GLY A N    1 
ATOM 529 C CA   . GLY A 1 60 ? 6.071   4.539   -16.830 1.00 4.49  ? 65 GLY A CA   1 
ATOM 530 C C    . GLY A 1 60 ? 5.909   5.717   -15.912 1.00 6.41  ? 65 GLY A C    1 
ATOM 531 O O    . GLY A 1 60 ? 6.421   6.843   -16.128 1.00 7.89  ? 65 GLY A O    1 
ATOM 532 H H    . GLY A 1 60 ? 5.114   2.711   -16.819 1.00 0.00  ? 65 GLY A H    1 
ATOM 533 N N    . VAL A 1 61 ? 5.089   5.452   -14.885 1.00 6.84  ? 66 VAL A N    1 
ATOM 534 C CA   . VAL A 1 61 ? 4.747   6.516   -13.895 1.00 6.86  ? 66 VAL A CA   1 
ATOM 535 C C    . VAL A 1 61 ? 5.214   6.134   -12.504 1.00 5.18  ? 66 VAL A C    1 
ATOM 536 O O    . VAL A 1 61 ? 5.100   4.956   -12.170 1.00 2.74  ? 66 VAL A O    1 
ATOM 537 C CB   . VAL A 1 61 ? 3.182   6.702   -14.003 1.00 4.12  ? 66 VAL A CB   1 
ATOM 538 C CG1  . VAL A 1 61 ? 2.681   7.632   -12.876 1.00 4.66  ? 66 VAL A CG1  1 
ATOM 539 C CG2  . VAL A 1 61 ? 2.780   7.332   -15.331 1.00 4.07  ? 66 VAL A CG2  1 
ATOM 540 H H    . VAL A 1 61 ? 4.712   4.554   -14.783 1.00 0.00  ? 66 VAL A H    1 
ATOM 541 N N    . ASP A 1 62 ? 5.735   7.149   -11.781 1.00 4.15  ? 67 ASP A N    1 
ATOM 542 C CA   . ASP A 1 62 ? 6.169   6.907   -10.369 1.00 3.81  ? 67 ASP A CA   1 
ATOM 543 C C    . ASP A 1 62 ? 4.932   7.030   -9.420  1.00 3.54  ? 67 ASP A C    1 
ATOM 544 O O    . ASP A 1 62 ? 4.196   8.035   -9.535  1.00 4.95  ? 67 ASP A O    1 
ATOM 545 C CB   . ASP A 1 62 ? 7.169   7.988   -9.939  1.00 11.86 ? 67 ASP A CB   1 
ATOM 546 C CG   . ASP A 1 62 ? 7.886   7.498   -8.686  1.00 18.26 ? 67 ASP A CG   1 
ATOM 547 O OD1  . ASP A 1 62 ? 8.904   6.755   -8.773  1.00 22.16 ? 67 ASP A OD1  1 
ATOM 548 O OD2  . ASP A 1 62 ? 7.460   7.790   -7.569  1.00 20.94 ? 67 ASP A OD2  1 
ATOM 549 H H    . ASP A 1 62 ? 5.830   8.040   -12.179 1.00 0.00  ? 67 ASP A H    1 
ATOM 550 N N    . TYR A 1 63 ? 4.754   5.988   -8.604  1.00 4.11  ? 68 TYR A N    1 
ATOM 551 C CA   . TYR A 1 63 ? 3.633   5.978   -7.628  1.00 4.53  ? 68 TYR A CA   1 
ATOM 552 C C    . TYR A 1 63 ? 4.213   5.949   -6.227  1.00 4.01  ? 68 TYR A C    1 
ATOM 553 O O    . TYR A 1 63 ? 5.261   5.341   -5.938  1.00 3.84  ? 68 TYR A O    1 
ATOM 554 C CB   . TYR A 1 63 ? 2.695   4.756   -7.776  1.00 2.67  ? 68 TYR A CB   1 
ATOM 555 C CG   . TYR A 1 63 ? 1.844   4.852   -9.010  1.00 4.25  ? 68 TYR A CG   1 
ATOM 556 C CD1  . TYR A 1 63 ? 2.336   4.285   -10.234 1.00 4.45  ? 68 TYR A CD1  1 
ATOM 557 C CD2  . TYR A 1 63 ? 0.574   5.406   -9.012  1.00 3.28  ? 68 TYR A CD2  1 
ATOM 558 C CE1  . TYR A 1 63 ? 1.558   4.334   -11.379 1.00 4.13  ? 68 TYR A CE1  1 
ATOM 559 C CE2  . TYR A 1 63 ? -0.172  5.521   -10.183 1.00 5.95  ? 68 TYR A CE2  1 
ATOM 560 C CZ   . TYR A 1 63 ? 0.333   4.960   -11.375 1.00 5.11  ? 68 TYR A CZ   1 
ATOM 561 O OH   . TYR A 1 63 ? -0.489  5.076   -12.470 1.00 5.63  ? 68 TYR A OH   1 
ATOM 562 H H    . TYR A 1 63 ? 5.366   5.225   -8.648  1.00 0.00  ? 68 TYR A H    1 
ATOM 563 H HH   . TYR A 1 63 ? -0.068  4.669   -13.230 1.00 0.00  ? 68 TYR A HH   1 
ATOM 564 N N    . THR A 1 64 ? 3.505   6.589   -5.277  1.00 3.61  ? 69 THR A N    1 
ATOM 565 C CA   . THR A 1 64 ? 3.917   6.551   -3.842  1.00 3.59  ? 69 THR A CA   1 
ATOM 566 C C    . THR A 1 64 ? 2.882   5.567   -3.232  1.00 2.81  ? 69 THR A C    1 
ATOM 567 O O    . THR A 1 64 ? 1.689   5.902   -3.400  1.00 7.76  ? 69 THR A O    1 
ATOM 568 C CB   . THR A 1 64 ? 3.888   7.980   -3.236  1.00 8.93  ? 69 THR A CB   1 
ATOM 569 O OG1  . THR A 1 64 ? 4.947   8.790   -3.903  1.00 9.94  ? 69 THR A OG1  1 
ATOM 570 C CG2  . THR A 1 64 ? 4.028   8.026   -1.697  1.00 8.44  ? 69 THR A CG2  1 
ATOM 571 H H    . THR A 1 64 ? 2.703   7.090   -5.533  1.00 0.00  ? 69 THR A H    1 
ATOM 572 H HG1  . THR A 1 64 ? 5.804   8.385   -3.750  1.00 0.00  ? 69 THR A HG1  1 
ATOM 573 N N    . ILE A 1 65 ? 3.332   4.550   -2.565  1.00 3.08  ? 70 ILE A N    1 
ATOM 574 C CA   . ILE A 1 65 ? 2.380   3.527   -2.056  1.00 3.61  ? 70 ILE A CA   1 
ATOM 575 C C    . ILE A 1 65 ? 2.642   3.407   -0.552  1.00 3.21  ? 70 ILE A C    1 
ATOM 576 O O    . ILE A 1 65 ? 3.769   3.202   -0.169  1.00 2.58  ? 70 ILE A O    1 
ATOM 577 C CB   . ILE A 1 65 ? 2.582   2.163   -2.765  1.00 3.43  ? 70 ILE A CB   1 
ATOM 578 C CG1  . ILE A 1 65 ? 2.397   2.310   -4.305  1.00 5.96  ? 70 ILE A CG1  1 
ATOM 579 C CG2  . ILE A 1 65 ? 1.602   1.113   -2.130  1.00 2.59  ? 70 ILE A CG2  1 
ATOM 580 C CD1  . ILE A 1 65 ? 3.052   1.090   -4.998  1.00 6.03  ? 70 ILE A CD1  1 
ATOM 581 H H    . ILE A 1 65 ? 4.293   4.456   -2.398  1.00 0.00  ? 70 ILE A H    1 
ATOM 582 N N    . THR A 1 66 ? 1.522   3.488   0.200   1.00 3.37  ? 71 THR A N    1 
ATOM 583 C CA   . THR A 1 66 ? 1.690   3.413   1.670   1.00 2.93  ? 71 THR A CA   1 
ATOM 584 C C    . THR A 1 66 ? 0.716   2.408   2.311   1.00 2.15  ? 71 THR A C    1 
ATOM 585 O O    . THR A 1 66 ? -0.406  2.301   1.802   1.00 3.77  ? 71 THR A O    1 
ATOM 586 C CB   . THR A 1 66 ? 1.434   4.858   2.270   1.00 2.00  ? 71 THR A CB   1 
ATOM 587 O OG1  . THR A 1 66 ? 2.272   5.849   1.626   1.00 3.59  ? 71 THR A OG1  1 
ATOM 588 C CG2  . THR A 1 66 ? 1.650   4.744   3.805   1.00 2.37  ? 71 THR A CG2  1 
ATOM 589 H H    . THR A 1 66 ? 0.638   3.592   -0.209  1.00 0.00  ? 71 THR A H    1 
ATOM 590 H HG1  . THR A 1 66 ? 2.079   5.870   0.686   1.00 0.00  ? 71 THR A HG1  1 
ATOM 591 N N    . VAL A 1 67 ? 1.212   1.709   3.317   1.00 3.03  ? 72 VAL A N    1 
ATOM 592 C CA   . VAL A 1 67 ? 0.316   0.762   4.019   1.00 5.45  ? 72 VAL A CA   1 
ATOM 593 C C    . VAL A 1 67 ? 0.212   1.256   5.478   1.00 6.25  ? 72 VAL A C    1 
ATOM 594 O O    . VAL A 1 67 ? 1.228   1.499   6.118   1.00 3.76  ? 72 VAL A O    1 
ATOM 595 C CB   . VAL A 1 67 ? 0.843   -0.661  4.038   1.00 4.02  ? 72 VAL A CB   1 
ATOM 596 C CG1  . VAL A 1 67 ? 0.040   -1.686  4.869   1.00 4.28  ? 72 VAL A CG1  1 
ATOM 597 C CG2  . VAL A 1 67 ? 1.010   -1.098  2.557   1.00 6.53  ? 72 VAL A CG2  1 
ATOM 598 H H    . VAL A 1 67 ? 2.148   1.813   3.589   1.00 0.00  ? 72 VAL A H    1 
ATOM 599 N N    . TYR A 1 68 ? -1.027  1.229   5.967   1.00 5.62  ? 73 TYR A N    1 
ATOM 600 C CA   . TYR A 1 68 ? -1.305  1.626   7.368   1.00 4.86  ? 73 TYR A CA   1 
ATOM 601 C C    . TYR A 1 68 ? -1.979  0.419   8.044   1.00 5.68  ? 73 TYR A C    1 
ATOM 602 O O    . TYR A 1 68 ? -2.775  -0.192  7.313   1.00 5.83  ? 73 TYR A O    1 
ATOM 603 C CB   . TYR A 1 68 ? -2.308  2.805   7.401   1.00 2.21  ? 73 TYR A CB   1 
ATOM 604 C CG   . TYR A 1 68 ? -1.829  4.131   6.889   1.00 5.04  ? 73 TYR A CG   1 
ATOM 605 C CD1  . TYR A 1 68 ? -1.925  4.382   5.485   1.00 3.35  ? 73 TYR A CD1  1 
ATOM 606 C CD2  . TYR A 1 68 ? -1.315  5.120   7.736   1.00 4.67  ? 73 TYR A CD2  1 
ATOM 607 C CE1  . TYR A 1 68 ? -1.515  5.634   5.017   1.00 3.41  ? 73 TYR A CE1  1 
ATOM 608 C CE2  . TYR A 1 68 ? -0.885  6.369   7.209   1.00 2.86  ? 73 TYR A CE2  1 
ATOM 609 C CZ   . TYR A 1 68 ? -1.008  6.593   5.822   1.00 2.00  ? 73 TYR A CZ   1 
ATOM 610 O OH   . TYR A 1 68 ? -0.585  7.804   5.333   1.00 3.67  ? 73 TYR A OH   1 
ATOM 611 H H    . TYR A 1 68 ? -1.766  0.941   5.391   1.00 0.00  ? 73 TYR A H    1 
ATOM 612 H HH   . TYR A 1 68 ? -0.251  8.341   6.054   1.00 0.00  ? 73 TYR A HH   1 
ATOM 613 N N    . ALA A 1 69 ? -1.653  0.111   9.300   1.00 4.97  ? 74 ALA A N    1 
ATOM 614 C CA   . ALA A 1 69 ? -2.385  -1.053  9.924   1.00 5.76  ? 74 ALA A CA   1 
ATOM 615 C C    . ALA A 1 69 ? -3.412  -0.410  10.899  1.00 5.87  ? 74 ALA A C    1 
ATOM 616 O O    . ALA A 1 69 ? -3.030  0.527   11.646  1.00 7.13  ? 74 ALA A O    1 
ATOM 617 C CB   . ALA A 1 69 ? -1.457  -1.990  10.688  1.00 5.65  ? 74 ALA A CB   1 
ATOM 618 H H    . ALA A 1 69 ? -0.972  0.615   9.793   1.00 0.00  ? 74 ALA A H    1 
ATOM 619 N N    . VAL A 1 70 ? -4.619  -0.956  10.911  1.00 6.96  ? 75 VAL A N    1 
ATOM 620 C CA   . VAL A 1 70 ? -5.671  -0.407  11.837  1.00 7.20  ? 75 VAL A CA   1 
ATOM 621 C C    . VAL A 1 70 ? -5.994  -1.582  12.785  1.00 7.80  ? 75 VAL A C    1 
ATOM 622 O O    . VAL A 1 70 ? -6.287  -2.655  12.292  1.00 5.61  ? 75 VAL A O    1 
ATOM 623 C CB   . VAL A 1 70 ? -6.841  0.126   11.019  1.00 6.56  ? 75 VAL A CB   1 
ATOM 624 C CG1  . VAL A 1 70 ? -8.078  0.407   11.900  1.00 8.34  ? 75 VAL A CG1  1 
ATOM 625 C CG2  . VAL A 1 70 ? -6.528  1.330   10.139  1.00 6.98  ? 75 VAL A CG2  1 
ATOM 626 H H    . VAL A 1 70 ? -4.824  -1.712  10.322  1.00 0.00  ? 75 VAL A H    1 
ATOM 627 N N    . THR A 1 71 ? -5.899  -1.377  14.101  1.00 6.34  ? 76 THR A N    1 
ATOM 628 C CA   . THR A 1 71 ? -6.162  -2.467  15.058  1.00 9.28  ? 76 THR A CA   1 
ATOM 629 C C    . THR A 1 71 ? -7.586  -2.236  15.604  1.00 11.62 ? 76 THR A C    1 
ATOM 630 O O    . THR A 1 71 ? -8.105  -1.138  15.351  1.00 15.59 ? 76 THR A O    1 
ATOM 631 C CB   . THR A 1 71 ? -5.105  -2.452  16.230  1.00 11.86 ? 76 THR A CB   1 
ATOM 632 O OG1  . THR A 1 71 ? -5.496  -1.254  16.980  1.00 13.40 ? 76 THR A OG1  1 
ATOM 633 C CG2  . THR A 1 71 ? -3.675  -2.315  15.701  1.00 12.90 ? 76 THR A CG2  1 
ATOM 634 H H    . THR A 1 71 ? -5.652  -0.490  14.435  1.00 0.00  ? 76 THR A H    1 
ATOM 635 H HG1  . THR A 1 71 ? -5.435  -0.485  16.410  1.00 0.00  ? 76 THR A HG1  1 
ATOM 636 N N    . GLY A 1 72 ? -8.103  -3.265  16.240  1.00 20.65 ? 77 GLY A N    1 
ATOM 637 C CA   . GLY A 1 72 ? -9.508  -3.033  16.751  1.00 24.68 ? 77 GLY A CA   1 
ATOM 638 C C    . GLY A 1 72 ? -9.419  -2.531  18.194  1.00 29.12 ? 77 GLY A C    1 
ATOM 639 O O    . GLY A 1 72 ? -10.383 -2.785  18.952  1.00 23.24 ? 77 GLY A O    1 
ATOM 640 H H    . GLY A 1 72 ? -7.621  -4.107  16.371  1.00 0.00  ? 77 GLY A H    1 
ATOM 641 N N    . ARG A 1 73 ? -8.324  -1.861  18.523  1.00 29.23 ? 78 ARG A N    1 
ATOM 642 C CA   . ARG A 1 73 ? -8.158  -1.379  19.916  1.00 36.30 ? 78 ARG A CA   1 
ATOM 643 C C    . ARG A 1 73 ? -8.127  0.175   20.020  1.00 38.82 ? 78 ARG A C    1 
ATOM 644 O O    . ARG A 1 73 ? -7.901  0.739   21.101  1.00 53.34 ? 78 ARG A O    1 
ATOM 645 C CB   . ARG A 1 73 ? -6.888  -2.011  20.500  1.00 53.67 ? 78 ARG A CB   1 
ATOM 646 C CG   . ARG A 1 73 ? -7.159  -3.347  21.195  1.00 60.24 ? 78 ARG A CG   1 
ATOM 647 C CD   . ARG A 1 73 ? -5.894  -4.176  21.419  1.00 66.57 ? 78 ARG A CD   1 
ATOM 648 N NE   . ARG A 1 73 ? -5.379  -4.786  20.185  1.00 75.28 ? 78 ARG A NE   1 
ATOM 649 C CZ   . ARG A 1 73 ? -4.099  -4.718  19.795  1.00 79.60 ? 78 ARG A CZ   1 
ATOM 650 N NH1  . ARG A 1 73 ? -3.188  -4.069  20.534  1.00 83.73 ? 78 ARG A NH1  1 
ATOM 651 N NH2  . ARG A 1 73 ? -3.627  -5.273  18.672  1.00 82.93 ? 78 ARG A NH2  1 
ATOM 652 H H    . ARG A 1 73 ? -7.631  -1.685  17.853  1.00 0.00  ? 78 ARG A H    1 
ATOM 653 H HE   . ARG A 1 73 ? -6.009  -5.271  19.614  1.00 0.00  ? 78 ARG A HE   1 
ATOM 654 H HH11 . ARG A 1 73 ? -3.460  -3.627  21.390  1.00 0.00  ? 78 ARG A HH11 1 
ATOM 655 H HH12 . ARG A 1 73 ? -2.236  -4.027  20.231  1.00 0.00  ? 78 ARG A HH12 1 
ATOM 656 H HH21 . ARG A 1 73 ? -4.243  -5.776  18.065  1.00 0.00  ? 78 ARG A HH21 1 
ATOM 657 H HH22 . ARG A 1 73 ? -2.658  -5.184  18.440  1.00 0.00  ? 78 ARG A HH22 1 
ATOM 658 N N    . GLY A 1 74 ? -8.363  0.883   18.909  1.00 55.55 ? 79 GLY A N    1 
ATOM 659 C CA   . GLY A 1 74 ? -8.414  2.377   18.936  1.00 62.82 ? 79 GLY A CA   1 
ATOM 660 C C    . GLY A 1 74 ? -7.801  3.030   17.677  1.00 69.55 ? 79 GLY A C    1 
ATOM 661 O O    . GLY A 1 74 ? -6.660  2.733   17.298  1.00 67.80 ? 79 GLY A O    1 
ATOM 662 H H    . GLY A 1 74 ? -8.504  0.412   18.060  1.00 0.00  ? 79 GLY A H    1 
ATOM 663 N N    . ASP A 1 75 ? -8.559  3.834   16.933  1.00 77.87 ? 80 ASP A N    1 
ATOM 664 C CA   . ASP A 1 75 ? -8.012  4.429   15.710  1.00 83.56 ? 80 ASP A CA   1 
ATOM 665 C C    . ASP A 1 75 ? -7.564  5.873   15.851  1.00 84.81 ? 80 ASP A C    1 
ATOM 666 O O    . ASP A 1 75 ? -8.332  6.750   16.258  1.00 81.81 ? 80 ASP A O    1 
ATOM 667 C CB   . ASP A 1 75 ? -8.965  4.290   14.512  1.00 84.86 ? 80 ASP A CB   1 
ATOM 668 C CG   . ASP A 1 75 ? -8.354  4.831   13.215  1.00 89.02 ? 80 ASP A CG   1 
ATOM 669 O OD1  . ASP A 1 75 ? -7.488  4.145   12.628  1.00 91.57 ? 80 ASP A OD1  1 
ATOM 670 O OD2  . ASP A 1 75 ? -8.723  5.952   12.790  1.00 92.43 ? 80 ASP A OD2  1 
ATOM 671 H H    . ASP A 1 75 ? -9.384  4.197   17.204  1.00 0.00  ? 80 ASP A H    1 
ATOM 672 N N    . SER A 1 76 ? -6.314  6.085   15.445  1.00 84.63 ? 81 SER A N    1 
ATOM 673 C CA   . SER A 1 76 ? -5.594  7.359   15.459  1.00 85.40 ? 81 SER A CA   1 
ATOM 674 C C    . SER A 1 76 ? -4.182  6.907   15.034  1.00 84.91 ? 81 SER A C    1 
ATOM 675 O O    . SER A 1 76 ? -4.008  5.747   14.637  1.00 80.56 ? 81 SER A O    1 
ATOM 676 C CB   . SER A 1 76 ? -5.572  7.947   16.886  1.00 82.85 ? 81 SER A CB   1 
ATOM 677 O OG   . SER A 1 76 ? -6.739  8.705   17.179  1.00 85.38 ? 81 SER A OG   1 
ATOM 678 H H    . SER A 1 76 ? -5.832  5.298   15.106  1.00 0.00  ? 81 SER A H    1 
ATOM 679 H HG   . SER A 1 76 ? -7.554  8.229   16.990  1.00 0.00  ? 81 SER A HG   1 
ATOM 680 N N    . PRO A 1 77 ? -3.161  7.793   15.089  1.00 84.37 ? 82 PRO A N    1 
ATOM 681 C CA   . PRO A 1 77 ? -1.843  7.278   14.678  1.00 82.81 ? 82 PRO A CA   1 
ATOM 682 C C    . PRO A 1 77 ? -1.384  6.145   15.610  1.00 81.43 ? 82 PRO A C    1 
ATOM 683 O O    . PRO A 1 77 ? -0.373  5.482   15.357  1.00 78.47 ? 82 PRO A O    1 
ATOM 684 C CB   . PRO A 1 77 ? -0.937  8.517   14.779  1.00 80.51 ? 82 PRO A CB   1 
ATOM 685 C CG   . PRO A 1 77 ? -1.639  9.396   15.793  1.00 80.53 ? 82 PRO A CG   1 
ATOM 686 C CD   . PRO A 1 77 ? -3.087  9.234   15.398  1.00 81.66 ? 82 PRO A CD   1 
ATOM 687 N N    . ALA A 1 78 ? -2.169  5.918   16.665  1.00 79.39 ? 83 ALA A N    1 
ATOM 688 C CA   . ALA A 1 78 ? -1.921  4.887   17.668  1.00 78.38 ? 83 ALA A CA   1 
ATOM 689 C C    . ALA A 1 78 ? -2.341  3.475   17.221  1.00 76.27 ? 83 ALA A C    1 
ATOM 690 O O    . ALA A 1 78 ? -3.061  2.767   17.939  1.00 72.79 ? 83 ALA A O    1 
ATOM 691 C CB   . ALA A 1 78 ? -2.615  5.266   18.983  1.00 74.60 ? 83 ALA A CB   1 
ATOM 692 H H    . ALA A 1 78 ? -2.947  6.470   16.836  1.00 0.00  ? 83 ALA A H    1 
ATOM 693 N N    . SER A 1 79 ? -1.894  3.085   16.029  1.00 75.87 ? 84 SER A N    1 
ATOM 694 C CA   . SER A 1 79 ? -2.173  1.764   15.471  1.00 72.54 ? 84 SER A CA   1 
ATOM 695 C C    . SER A 1 79 ? -0.831  1.111   15.086  1.00 70.12 ? 84 SER A C    1 
ATOM 696 O O    . SER A 1 79 ? -0.350  0.225   15.799  1.00 62.24 ? 84 SER A O    1 
ATOM 697 C CB   . SER A 1 79 ? -3.124  1.869   14.267  1.00 64.68 ? 84 SER A CB   1 
ATOM 698 O OG   . SER A 1 79 ? -4.437  2.256   14.667  1.00 64.42 ? 84 SER A OG   1 
ATOM 699 H H    . SER A 1 79 ? -1.347  3.701   15.505  1.00 0.00  ? 84 SER A H    1 
ATOM 700 H HG   . SER A 1 79 ? -4.483  2.304   15.634  1.00 0.00  ? 84 SER A HG   1 
ATOM 701 N N    . SER A 1 80 ? -0.214  1.590   14.001  1.00 66.18 ? 85 SER A N    1 
ATOM 702 C CA   . SER A 1 80 ? 1.089   1.098   13.515  1.00 61.67 ? 85 SER A CA   1 
ATOM 703 C C    . SER A 1 80 ? 1.682   2.076   12.479  1.00 57.93 ? 85 SER A C    1 
ATOM 704 O O    . SER A 1 80 ? 0.964   2.527   11.571  1.00 57.85 ? 85 SER A O    1 
ATOM 705 C CB   . SER A 1 80 ? 0.961   -0.306  12.901  1.00 61.41 ? 85 SER A CB   1 
ATOM 706 O OG   . SER A 1 80 ? 0.916   -1.322  13.897  1.00 63.70 ? 85 SER A OG   1 
ATOM 707 H H    . SER A 1 80 ? -0.634  2.292   13.461  1.00 0.00  ? 85 SER A H    1 
ATOM 708 H HG   . SER A 1 80 ? 0.339   -1.078  14.634  1.00 0.00  ? 85 SER A HG   1 
ATOM 709 N N    . LYS A 1 81 ? 2.978   2.392   12.621  1.00 42.74 ? 86 LYS A N    1 
ATOM 710 C CA   . LYS A 1 81 ? 3.690   3.327   11.725  1.00 35.27 ? 86 LYS A CA   1 
ATOM 711 C C    . LYS A 1 81 ? 3.540   2.985   10.234  1.00 26.75 ? 86 LYS A C    1 
ATOM 712 O O    . LYS A 1 81 ? 3.731   1.834   9.833   1.00 28.93 ? 86 LYS A O    1 
ATOM 713 C CB   . LYS A 1 81 ? 5.184   3.421   12.094  1.00 44.00 ? 86 LYS A CB   1 
ATOM 714 C CG   . LYS A 1 81 ? 5.985   2.132   11.884  1.00 49.20 ? 86 LYS A CG   1 
ATOM 715 C CD   . LYS A 1 81 ? 7.490   2.368   11.995  1.00 55.98 ? 86 LYS A CD   1 
ATOM 716 C CE   . LYS A 1 81 ? 8.303   1.061   11.892  1.00 58.49 ? 86 LYS A CE   1 
ATOM 717 N NZ   . LYS A 1 81 ? 8.234   0.376   10.559  1.00 63.17 ? 86 LYS A NZ   1 
ATOM 718 H H    . LYS A 1 81 ? 3.476   1.973   13.348  1.00 0.00  ? 86 LYS A H    1 
ATOM 719 H HZ1  . LYS A 1 81 ? 7.241   0.172   10.329  1.00 0.00  ? 86 LYS A HZ1  1 
ATOM 720 H HZ2  . LYS A 1 81 ? 8.647   0.988   9.830   1.00 0.00  ? 86 LYS A HZ2  1 
ATOM 721 H HZ3  . LYS A 1 81 ? 8.771   -0.516  10.609  1.00 0.00  ? 86 LYS A HZ3  1 
ATOM 722 N N    . PRO A 1 82 ? 3.195   3.986   9.402   1.00 12.26 ? 87 PRO A N    1 
ATOM 723 C CA   . PRO A 1 82 ? 3.040   3.695   7.994   1.00 9.05  ? 87 PRO A CA   1 
ATOM 724 C C    . PRO A 1 82 ? 4.341   3.251   7.333   1.00 8.17  ? 87 PRO A C    1 
ATOM 725 O O    . PRO A 1 82 ? 5.392   3.740   7.782   1.00 11.00 ? 87 PRO A O    1 
ATOM 726 C CB   . PRO A 1 82 ? 2.555   5.000   7.406   1.00 11.06 ? 87 PRO A CB   1 
ATOM 727 C CG   . PRO A 1 82 ? 2.447   6.011   8.537   1.00 11.98 ? 87 PRO A CG   1 
ATOM 728 C CD   . PRO A 1 82 ? 2.859   5.350   9.815   1.00 13.04 ? 87 PRO A CD   1 
ATOM 729 N N    . ILE A 1 83 ? 4.142   2.407   6.334   1.00 8.75  ? 88 ILE A N    1 
ATOM 730 C CA   . ILE A 1 83 ? 5.342   1.912   5.580   1.00 6.79  ? 88 ILE A CA   1 
ATOM 731 C C    . ILE A 1 83 ? 5.103   2.391   4.161   1.00 4.18  ? 88 ILE A C    1 
ATOM 732 O O    . ILE A 1 83 ? 3.999   2.213   3.626   1.00 5.99  ? 88 ILE A O    1 
ATOM 733 C CB   . ILE A 1 83 ? 5.677   0.419   5.806   1.00 11.21 ? 88 ILE A CB   1 
ATOM 734 C CG1  . ILE A 1 83 ? 4.609   -0.608  5.351   1.00 13.56 ? 88 ILE A CG1  1 
ATOM 735 C CG2  . ILE A 1 83 ? 6.063   0.101   7.295   1.00 14.98 ? 88 ILE A CG2  1 
ATOM 736 C CD1  . ILE A 1 83 ? 5.032   -2.081  5.566   1.00 15.38 ? 88 ILE A CD1  1 
ATOM 737 H H    . ILE A 1 83 ? 3.239   2.113   6.094   1.00 0.00  ? 88 ILE A H    1 
ATOM 738 N N    . SER A 1 84 ? 6.137   3.038   3.539   1.00 5.20  ? 89 SER A N    1 
ATOM 739 C CA   . SER A 1 84 ? 5.896   3.549   2.192   1.00 5.96  ? 89 SER A CA   1 
ATOM 740 C C    . SER A 1 84 ? 7.039   3.257   1.194   1.00 8.10  ? 89 SER A C    1 
ATOM 741 O O    . SER A 1 84 ? 8.157   2.984   1.643   1.00 11.12 ? 89 SER A O    1 
ATOM 742 C CB   . SER A 1 84 ? 5.743   5.066   2.087   1.00 8.60  ? 89 SER A CB   1 
ATOM 743 O OG   . SER A 1 84 ? 4.590   5.535   2.773   1.00 18.04 ? 89 SER A OG   1 
ATOM 744 H H    . SER A 1 84 ? 7.004   3.154   3.980   1.00 0.00  ? 89 SER A H    1 
ATOM 745 H HG   . SER A 1 84 ? 4.654   5.305   3.702   1.00 0.00  ? 89 SER A HG   1 
ATOM 746 N N    . ILE A 1 85 ? 6.608   3.334   -0.055  1.00 7.57  ? 90 ILE A N    1 
ATOM 747 C CA   . ILE A 1 85 ? 7.678   3.117   -1.094  1.00 6.61  ? 90 ILE A CA   1 
ATOM 748 C C    . ILE A 1 85 ? 7.259   3.883   -2.338  1.00 7.55  ? 90 ILE A C    1 
ATOM 749 O O    . ILE A 1 85 ? 6.081   4.141   -2.520  1.00 6.81  ? 90 ILE A O    1 
ATOM 750 C CB   . ILE A 1 85 ? 7.965   1.650   -1.460  1.00 9.48  ? 90 ILE A CB   1 
ATOM 751 C CG1  . ILE A 1 85 ? 6.690   0.974   -2.046  1.00 10.12 ? 90 ILE A CG1  1 
ATOM 752 C CG2  . ILE A 1 85 ? 8.725   0.781   -0.418  1.00 10.96 ? 90 ILE A CG2  1 
ATOM 753 C CD1  . ILE A 1 85 ? 6.902   -0.443  -2.627  1.00 12.98 ? 90 ILE A CD1  1 
ATOM 754 H H    . ILE A 1 85 ? 5.675   3.515   -0.285  1.00 0.00  ? 90 ILE A H    1 
ATOM 755 N N    . ASN A 1 86 ? 8.316   4.207   -3.146  1.00 9.74  ? 91 ASN A N    1 
ATOM 756 C CA   . ASN A 1 86 ? 8.058   4.848   -4.438  1.00 9.44  ? 91 ASN A CA   1 
ATOM 757 C C    . ASN A 1 86 ? 8.447   3.747   -5.455  1.00 7.73  ? 91 ASN A C    1 
ATOM 758 O O    . ASN A 1 86 ? 9.481   3.113   -5.229  1.00 12.84 ? 91 ASN A O    1 
ATOM 759 C CB   . ASN A 1 86 ? 8.893   6.081   -4.764  1.00 16.23 ? 91 ASN A CB   1 
ATOM 760 C CG   . ASN A 1 86 ? 8.367   7.241   -3.938  1.00 20.46 ? 91 ASN A CG   1 
ATOM 761 O OD1  . ASN A 1 86 ? 8.804   7.220   -2.767  1.00 26.23 ? 91 ASN A OD1  1 
ATOM 762 N ND2  . ASN A 1 86 ? 7.601   8.072   -4.613  1.00 23.95 ? 91 ASN A ND2  1 
ATOM 763 H H    . ASN A 1 86 ? 9.234   4.013   -2.863  1.00 0.00  ? 91 ASN A H    1 
ATOM 764 H HD21 . ASN A 1 86 ? 7.233   8.840   -4.131  1.00 0.00  ? 91 ASN A HD21 1 
ATOM 765 H HD22 . ASN A 1 86 ? 7.418   7.910   -5.562  1.00 0.00  ? 91 ASN A HD22 1 
ATOM 766 N N    . TYR A 1 87 ? 7.596   3.578   -6.428  1.00 4.12  ? 92 TYR A N    1 
ATOM 767 C CA   . TYR A 1 87 ? 7.807   2.567   -7.454  1.00 4.59  ? 92 TYR A CA   1 
ATOM 768 C C    . TYR A 1 87 ? 7.317   3.104   -8.776  1.00 4.12  ? 92 TYR A C    1 
ATOM 769 O O    . TYR A 1 87 ? 6.213   3.614   -8.924  1.00 4.74  ? 92 TYR A O    1 
ATOM 770 C CB   . TYR A 1 87 ? 7.077   1.209   -7.236  1.00 4.78  ? 92 TYR A CB   1 
ATOM 771 C CG   . TYR A 1 87 ? 7.298   0.166   -8.310  1.00 5.66  ? 92 TYR A CG   1 
ATOM 772 C CD1  . TYR A 1 87 ? 8.481   -0.577  -8.347  1.00 3.27  ? 92 TYR A CD1  1 
ATOM 773 C CD2  . TYR A 1 87 ? 6.323   -0.057  -9.256  1.00 4.94  ? 92 TYR A CD2  1 
ATOM 774 C CE1  . TYR A 1 87 ? 8.675   -1.536  -9.341  1.00 4.03  ? 92 TYR A CE1  1 
ATOM 775 C CE2  . TYR A 1 87 ? 6.488   -1.026  -10.273 1.00 3.43  ? 92 TYR A CE2  1 
ATOM 776 C CZ   . TYR A 1 87 ? 7.673   -1.760  -10.276 1.00 3.83  ? 92 TYR A CZ   1 
ATOM 777 O OH   . TYR A 1 87 ? 7.855   -2.702  -11.247 1.00 5.33  ? 92 TYR A OH   1 
ATOM 778 H H    . TYR A 1 87 ? 6.797   4.143   -6.469  1.00 0.00  ? 92 TYR A H    1 
ATOM 779 H HH   . TYR A 1 87 ? 8.708   -3.126  -11.126 1.00 0.00  ? 92 TYR A HH   1 
ATOM 780 N N    . ARG A 1 88 ? 8.199   2.958   -9.800  1.00 4.25  ? 93 ARG A N    1 
ATOM 781 C CA   . ARG A 1 88 ? 7.841   3.380   -11.168 1.00 3.51  ? 93 ARG A CA   1 
ATOM 782 C C    . ARG A 1 88 ? 7.470   2.162   -11.991 1.00 2.59  ? 93 ARG A C    1 
ATOM 783 O O    . ARG A 1 88 ? 8.259   1.183   -12.131 1.00 3.35  ? 93 ARG A O    1 
ATOM 784 C CB   . ARG A 1 88 ? 9.121   3.997   -11.848 1.00 6.45  ? 93 ARG A CB   1 
ATOM 785 C CG   . ARG A 1 88 ? 8.791   4.312   -13.346 1.00 6.26  ? 93 ARG A CG   1 
ATOM 786 C CD   . ARG A 1 88 ? 10.165  4.544   -13.973 1.00 6.59  ? 93 ARG A CD   1 
ATOM 787 N NE   . ARG A 1 88 ? 9.898   5.063   -15.364 1.00 7.25  ? 93 ARG A NE   1 
ATOM 788 C CZ   . ARG A 1 88 ? 10.057  4.169   -16.383 1.00 6.97  ? 93 ARG A CZ   1 
ATOM 789 N NH1  . ARG A 1 88 ? 10.342  2.876   -16.238 1.00 5.68  ? 93 ARG A NH1  1 
ATOM 790 N NH2  . ARG A 1 88 ? 9.898   4.600   -17.654 1.00 7.94  ? 93 ARG A NH2  1 
ATOM 791 H H    . ARG A 1 88 ? 9.081   2.569   -9.627  1.00 0.00  ? 93 ARG A H    1 
ATOM 792 H HE   . ARG A 1 88 ? 9.626   5.990   -15.528 1.00 0.00  ? 93 ARG A HE   1 
ATOM 793 H HH11 . ARG A 1 88 ? 10.457  2.490   -15.323 1.00 0.00  ? 93 ARG A HH11 1 
ATOM 794 H HH12 . ARG A 1 88 ? 10.440  2.293   -17.044 1.00 0.00  ? 93 ARG A HH12 1 
ATOM 795 H HH21 . ARG A 1 88 ? 9.669   5.557   -17.832 1.00 0.00  ? 93 ARG A HH21 1 
ATOM 796 H HH22 . ARG A 1 88 ? 10.010  3.963   -18.416 1.00 0.00  ? 93 ARG A HH22 1 
ATOM 797 N N    . THR A 1 89 ? 6.289   2.211   -12.582 1.00 2.34  ? 94 THR A N    1 
ATOM 798 C CA   . THR A 1 89 ? 5.794   1.108   -13.428 1.00 2.87  ? 94 THR A CA   1 
ATOM 799 C C    . THR A 1 89 ? 6.663   1.090   -14.742 1.00 2.11  ? 94 THR A C    1 
ATOM 800 O O    . THR A 1 89 ? 6.947   2.220   -15.165 1.00 4.18  ? 94 THR A O    1 
ATOM 801 C CB   . THR A 1 89 ? 4.305   1.278   -13.864 1.00 2.59  ? 94 THR A CB   1 
ATOM 802 O OG1  . THR A 1 89 ? 3.973   2.629   -14.286 1.00 3.27  ? 94 THR A OG1  1 
ATOM 803 C CG2  . THR A 1 89 ? 3.325   0.911   -12.657 1.00 3.43  ? 94 THR A CG2  1 
ATOM 804 H H    . THR A 1 89 ? 5.727   3.003   -12.455 1.00 0.00  ? 94 THR A H    1 
ATOM 805 H HG1  . THR A 1 89 ? 4.520   2.875   -15.035 1.00 0.00  ? 94 THR A HG1  1 
ATOM 806 N N    . GLU A 1 90 ? 6.933   -0.085  -15.154 1.00 4.04  ? 95 GLU A N    1 
ATOM 807 C CA   . GLU A 1 90 ? 7.689   -0.215  -16.444 1.00 3.83  ? 95 GLU A CA   1 
ATOM 808 C C    . GLU A 1 90 ? 6.740   0.260   -17.540 1.00 5.79  ? 95 GLU A C    1 
ATOM 809 O O    . GLU A 1 90 ? 5.501   0.456   -17.569 1.00 4.06  ? 95 GLU A O    1 
ATOM 810 C CB   . GLU A 1 90 ? 8.023   -1.703  -16.534 1.00 2.49  ? 95 GLU A CB   1 
ATOM 811 C CG   . GLU A 1 90 ? 6.858   -2.651  -16.942 1.00 3.81  ? 95 GLU A CG   1 
ATOM 812 C CD   . GLU A 1 90 ? 7.055   -4.023  -16.464 1.00 4.70  ? 95 GLU A CD   1 
ATOM 813 O OE1  . GLU A 1 90 ? 7.247   -4.312  -15.310 1.00 5.90  ? 95 GLU A OE1  1 
ATOM 814 O OE2  . GLU A 1 90 ? 7.028   -4.812  -17.448 1.00 8.29  ? 95 GLU A OE2  1 
ATOM 815 H H    . GLU A 1 90 ? 6.657   -0.876  -14.646 1.00 0.00  ? 95 GLU A H    1 
ATOM 816 N N    . ILE A 1 91 ? 7.400   0.499   -18.718 1.00 6.25  ? 96 ILE A N    1 
ATOM 817 C CA   . ILE A 1 91 ? 6.791   0.873   -19.985 1.00 8.22  ? 96 ILE A CA   1 
ATOM 818 C C    . ILE A 1 91 ? 6.476   -0.389  -20.766 1.00 7.26  ? 96 ILE A C    1 
ATOM 819 O O    . ILE A 1 91 ? 7.203   -1.399  -20.843 1.00 9.04  ? 96 ILE A O    1 
ATOM 820 C CB   . ILE A 1 91 ? 7.695   1.911   -20.746 1.00 13.33 ? 96 ILE A CB   1 
ATOM 821 C CG1  . ILE A 1 91 ? 7.502   3.343   -20.165 1.00 15.92 ? 96 ILE A CG1  1 
ATOM 822 C CG2  . ILE A 1 91 ? 7.331   1.901   -22.270 1.00 15.02 ? 96 ILE A CG2  1 
ATOM 823 C CD1  . ILE A 1 91 ? 8.559   4.285   -20.888 1.00 22.33 ? 96 ILE A CD1  1 
ATOM 824 O OXT  . ILE A 1 91 ? 5.457   -0.530  -21.447 1.00 11.61 ? 96 ILE A OXT  1 
ATOM 825 H H    . ILE A 1 91 ? 8.374   0.408   -18.705 1.00 0.00  ? 96 ILE A H    1 
# 
